data_3QO6
#
_entry.id   3QO6
#
_cell.length_a   126.135
_cell.length_b   126.135
_cell.length_c   328.303
_cell.angle_alpha   90.000
_cell.angle_beta   90.000
_cell.angle_gamma   120.000
#
_symmetry.space_group_name_H-M   'P 61 2 2'
#
loop_
_entity.id
_entity.type
_entity.pdbx_description
1 polymer 'Protease Do-like 1, chloroplastic'
2 polymer peptide
3 polymer peptide
4 polymer peptide
5 polymer peptide
6 water water
#
loop_
_entity_poly.entity_id
_entity_poly.type
_entity_poly.pdbx_seq_one_letter_code
_entity_poly.pdbx_strand_id
1 'polypeptide(L)'
;MAAFVVSTPKKLQTDELATVRLFQENTPSVVYITNLAVRQDAFTLDVLEVPQGSGSGFVWDKQGHIVTNYHVIRGASDLR
VTLADQTTFDAKVVGFDQDKDVAVLRIDAPKNKLRPIPVGVSADLLVGQKVFAIGNPFGLDHTLTTGVISGLRREISSAA
TGRPIQDVIQTDAAINPGNSGGPLLDSSGTLIGINTAIYSPSGASSGVGFSIPVDTVGGIVDQLVRFGKVTRPILGIKFA
PDQSVEQLGVSGVLVLDAPPSGPAGKAGLQSTKRDGYGRLVLGDIITSVNGTKVSNGSDLYRILDQCKVGDEVTVEVLRG
DHKEKISVTLEPKPDESAAALEHHHHHH
;
A,B,C
2 'polypeptide(L)' (UNK)(UNK)(UNK)(UNK)(UNK)(UNK)(UNK) D
3 'polypeptide(L)' (UNK)(UNK)(UNK)(UNK) E,H,I
4 'polypeptide(L)' (UNK)(UNK)(UNK)(UNK)(UNK) F
5 'polypeptide(L)' (UNK)(UNK)(UNK) G
#
# COMPACT_ATOMS: atom_id res chain seq x y z
N PRO A 9 -19.45 3.00 22.99
CA PRO A 9 -19.21 4.04 21.94
C PRO A 9 -20.18 5.25 22.00
N LYS A 10 -19.94 6.26 21.16
CA LYS A 10 -20.78 7.47 21.12
C LYS A 10 -21.87 7.43 20.01
N LYS A 11 -22.43 6.24 19.76
CA LYS A 11 -23.45 6.00 18.73
C LYS A 11 -22.79 5.73 17.36
N LEU A 12 -22.50 4.46 17.11
CA LEU A 12 -21.87 4.00 15.86
C LEU A 12 -22.81 4.04 14.68
N GLN A 13 -22.27 4.15 13.47
CA GLN A 13 -23.14 4.14 12.30
C GLN A 13 -23.49 2.70 11.97
N THR A 14 -24.61 2.49 11.30
CA THR A 14 -25.08 1.15 11.01
C THR A 14 -24.04 0.31 10.28
N ASP A 15 -23.37 0.92 9.29
CA ASP A 15 -22.36 0.20 8.52
C ASP A 15 -21.18 -0.20 9.41
N GLU A 16 -20.58 0.74 10.13
CA GLU A 16 -19.46 0.39 11.00
C GLU A 16 -19.91 -0.54 12.11
N LEU A 17 -21.15 -0.38 12.54
CA LEU A 17 -21.70 -1.23 13.56
C LEU A 17 -21.69 -2.68 13.08
N ALA A 18 -22.03 -2.89 11.81
CA ALA A 18 -22.01 -4.24 11.26
C ALA A 18 -20.61 -4.86 11.27
N THR A 19 -19.58 -4.05 10.98
CA THR A 19 -18.19 -4.52 10.96
C THR A 19 -17.83 -4.97 12.35
N VAL A 20 -18.04 -4.06 13.31
CA VAL A 20 -17.79 -4.31 14.73
C VAL A 20 -18.35 -5.65 15.17
N ARG A 21 -19.61 -5.89 14.83
CA ARG A 21 -20.27 -7.12 15.19
C ARG A 21 -19.64 -8.31 14.50
N LEU A 22 -19.37 -8.17 13.22
CA LEU A 22 -18.80 -9.26 12.44
C LEU A 22 -17.43 -9.69 13.00
N PHE A 23 -16.58 -8.73 13.35
CA PHE A 23 -15.27 -9.07 13.89
C PHE A 23 -15.44 -9.73 15.26
N GLN A 24 -16.26 -9.07 16.08
CA GLN A 24 -16.59 -9.49 17.46
C GLN A 24 -16.99 -10.95 17.46
N GLU A 25 -17.86 -11.30 16.52
CA GLU A 25 -18.35 -12.66 16.42
C GLU A 25 -17.42 -13.68 15.77
N ASN A 26 -16.51 -13.25 14.90
CA ASN A 26 -15.67 -14.23 14.22
C ASN A 26 -14.22 -14.27 14.60
N THR A 27 -13.73 -13.23 15.29
CA THR A 27 -12.34 -13.28 15.70
C THR A 27 -12.09 -14.55 16.56
N PRO A 28 -13.12 -15.07 17.26
CA PRO A 28 -12.86 -16.28 18.08
C PRO A 28 -12.45 -17.50 17.26
N SER A 29 -12.93 -17.55 16.02
CA SER A 29 -12.62 -18.65 15.13
C SER A 29 -11.23 -18.59 14.52
N VAL A 30 -10.58 -17.44 14.57
CA VAL A 30 -9.25 -17.35 13.94
C VAL A 30 -8.18 -17.82 14.89
N VAL A 31 -7.10 -18.36 14.35
CA VAL A 31 -6.00 -18.86 15.17
C VAL A 31 -4.66 -18.39 14.67
N TYR A 32 -3.65 -18.53 15.53
CA TYR A 32 -2.29 -18.13 15.21
C TYR A 32 -1.56 -19.44 14.99
N ILE A 33 -0.71 -19.51 13.96
CA ILE A 33 0.01 -20.75 13.70
C ILE A 33 1.51 -20.56 13.70
N THR A 34 2.19 -21.16 14.67
CA THR A 34 3.62 -21.04 14.68
C THR A 34 4.33 -22.33 14.28
N ASN A 35 5.17 -22.17 13.27
CA ASN A 35 5.95 -23.20 12.61
C ASN A 35 7.32 -23.23 13.27
N LEU A 36 7.60 -24.27 14.05
CA LEU A 36 8.88 -24.39 14.77
C LEU A 36 9.88 -25.31 14.09
N ALA A 37 11.14 -24.88 14.09
CA ALA A 37 12.26 -25.62 13.50
C ALA A 37 13.24 -26.09 14.57
N VAL A 38 14.09 -27.04 14.20
CA VAL A 38 15.10 -27.58 15.12
C VAL A 38 16.42 -26.84 14.91
N ARG A 39 16.97 -26.27 15.98
CA ARG A 39 18.23 -25.54 15.86
C ARG A 39 19.23 -26.02 16.90
N GLN A 40 20.37 -25.34 16.95
CA GLN A 40 21.39 -25.73 17.90
C GLN A 40 21.85 -24.58 18.79
N ASP A 41 21.85 -24.83 20.09
CA ASP A 41 22.32 -23.86 21.07
C ASP A 41 23.76 -23.62 20.61
N ALA A 42 24.23 -22.38 20.64
CA ALA A 42 25.57 -22.08 20.17
C ALA A 42 26.71 -22.28 21.16
N PHE A 43 26.39 -22.51 22.43
CA PHE A 43 27.42 -22.70 23.44
C PHE A 43 27.41 -24.11 23.99
N THR A 44 26.20 -24.60 24.18
CA THR A 44 25.95 -25.92 24.73
C THR A 44 25.75 -26.88 23.56
N LEU A 45 25.35 -26.31 22.44
CA LEU A 45 25.06 -27.00 21.19
C LEU A 45 24.08 -28.18 21.23
N ASP A 46 23.14 -28.16 22.18
CA ASP A 46 22.10 -29.19 22.29
C ASP A 46 21.04 -28.70 21.29
N VAL A 47 20.21 -29.60 20.76
CA VAL A 47 19.20 -29.13 19.82
C VAL A 47 18.03 -28.53 20.59
N LEU A 48 17.31 -27.63 19.93
CA LEU A 48 16.16 -26.95 20.52
C LEU A 48 15.20 -26.55 19.40
N GLU A 49 13.96 -26.23 19.75
CA GLU A 49 13.00 -25.82 18.74
C GLU A 49 12.80 -24.33 18.84
N VAL A 50 12.73 -23.68 17.68
CA VAL A 50 12.55 -22.24 17.65
C VAL A 50 11.71 -21.93 16.41
N PRO A 51 10.94 -20.82 16.46
CA PRO A 51 10.08 -20.38 15.35
C PRO A 51 10.80 -20.09 14.02
N GLN A 52 10.30 -20.69 12.96
CA GLN A 52 10.85 -20.53 11.60
C GLN A 52 9.99 -19.48 10.87
N GLY A 53 8.69 -19.55 11.16
CA GLY A 53 7.73 -18.62 10.57
C GLY A 53 6.42 -18.70 11.31
N SER A 54 5.50 -17.81 10.95
CA SER A 54 4.19 -17.82 11.57
C SER A 54 3.13 -17.45 10.52
N GLY A 55 1.89 -17.81 10.82
CA GLY A 55 0.80 -17.53 9.93
C GLY A 55 -0.47 -17.65 10.73
N SER A 56 -1.59 -17.72 10.04
CA SER A 56 -2.84 -17.88 10.71
C SER A 56 -3.63 -18.97 10.05
N GLY A 57 -4.83 -19.14 10.56
CA GLY A 57 -5.76 -20.13 10.09
C GLY A 57 -7.07 -19.96 10.85
N PHE A 58 -7.95 -20.93 10.70
CA PHE A 58 -9.22 -20.85 11.38
C PHE A 58 -9.76 -22.23 11.70
N VAL A 59 -10.64 -22.25 12.70
CA VAL A 59 -11.29 -23.45 13.17
C VAL A 59 -12.35 -23.90 12.19
N TRP A 60 -12.31 -25.17 11.82
CA TRP A 60 -13.27 -25.71 10.87
C TRP A 60 -14.46 -26.45 11.53
N ASP A 61 -14.20 -27.19 12.61
CA ASP A 61 -15.24 -27.96 13.28
C ASP A 61 -14.89 -28.28 14.73
N LYS A 62 -15.90 -28.77 15.48
CA LYS A 62 -15.69 -29.11 16.88
C LYS A 62 -14.71 -30.24 17.12
N GLN A 63 -14.20 -30.87 16.06
CA GLN A 63 -13.21 -31.95 16.26
C GLN A 63 -11.80 -31.39 16.42
N GLY A 64 -11.64 -30.09 16.15
CA GLY A 64 -10.33 -29.48 16.27
C GLY A 64 -9.53 -29.44 15.00
N HIS A 65 -10.23 -29.45 13.86
CA HIS A 65 -9.56 -29.32 12.57
C HIS A 65 -9.32 -27.82 12.29
N ILE A 66 -8.10 -27.49 11.88
CA ILE A 66 -7.72 -26.11 11.62
C ILE A 66 -7.35 -26.03 10.18
N VAL A 67 -7.79 -24.98 9.50
CA VAL A 67 -7.47 -24.79 8.07
C VAL A 67 -6.51 -23.60 7.81
N THR A 68 -5.55 -23.81 6.92
CA THR A 68 -4.59 -22.77 6.52
C THR A 68 -3.95 -23.15 5.21
N ASN A 69 -2.97 -22.35 4.82
CA ASN A 69 -2.24 -22.59 3.59
C ASN A 69 -1.17 -23.60 3.92
N TYR A 70 -0.90 -24.49 2.97
CA TYR A 70 0.14 -25.48 3.12
C TYR A 70 1.50 -24.81 3.24
N HIS A 71 1.66 -23.67 2.56
CA HIS A 71 2.92 -22.98 2.57
C HIS A 71 3.24 -22.41 3.95
N VAL A 72 2.27 -22.42 4.84
CA VAL A 72 2.49 -21.93 6.20
C VAL A 72 3.15 -23.04 7.02
N ILE A 73 2.88 -24.28 6.63
CA ILE A 73 3.34 -25.46 7.33
C ILE A 73 4.57 -26.14 6.73
N ARG A 74 4.78 -25.98 5.44
CA ARG A 74 5.91 -26.63 4.77
C ARG A 74 7.22 -26.59 5.54
N GLY A 75 7.86 -27.75 5.64
CA GLY A 75 9.15 -27.87 6.31
C GLY A 75 9.19 -27.55 7.79
N ALA A 76 8.15 -27.92 8.53
CA ALA A 76 8.13 -27.64 9.96
C ALA A 76 8.21 -28.87 10.86
N SER A 77 9.26 -28.91 11.69
CA SER A 77 9.48 -29.99 12.64
C SER A 77 8.21 -30.16 13.47
N ASP A 78 7.77 -29.08 14.10
CA ASP A 78 6.56 -29.15 14.88
C ASP A 78 5.69 -27.94 14.62
N LEU A 79 4.38 -28.14 14.76
CA LEU A 79 3.39 -27.10 14.54
C LEU A 79 2.64 -26.82 15.82
N ARG A 80 2.46 -25.55 16.17
CA ARG A 80 1.72 -25.18 17.37
C ARG A 80 0.69 -24.15 16.98
N VAL A 81 -0.56 -24.34 17.42
CA VAL A 81 -1.60 -23.35 17.10
C VAL A 81 -2.08 -22.67 18.36
N THR A 82 -2.13 -21.34 18.34
CA THR A 82 -2.59 -20.56 19.49
C THR A 82 -4.01 -20.07 19.24
N LEU A 83 -4.93 -20.43 20.13
CA LEU A 83 -6.33 -20.04 20.03
C LEU A 83 -6.53 -18.61 20.50
N ALA A 84 -7.66 -18.02 20.13
CA ALA A 84 -7.94 -16.63 20.48
C ALA A 84 -7.74 -16.25 21.95
N ASP A 85 -7.83 -17.20 22.86
CA ASP A 85 -7.65 -16.93 24.29
C ASP A 85 -6.20 -17.11 24.77
N GLN A 86 -5.26 -17.15 23.83
CA GLN A 86 -3.84 -17.33 24.12
C GLN A 86 -3.38 -18.74 24.49
N THR A 87 -4.28 -19.70 24.54
CA THR A 87 -3.84 -21.04 24.88
C THR A 87 -3.32 -21.75 23.63
N THR A 88 -2.19 -22.42 23.77
CA THR A 88 -1.60 -23.09 22.63
C THR A 88 -1.76 -24.60 22.68
N PHE A 89 -1.66 -25.24 21.52
CA PHE A 89 -1.79 -26.69 21.37
C PHE A 89 -0.84 -27.21 20.30
N ASP A 90 -0.34 -28.42 20.48
CA ASP A 90 0.52 -28.97 19.46
C ASP A 90 -0.42 -29.40 18.33
N ALA A 91 0.05 -29.33 17.09
CA ALA A 91 -0.80 -29.68 15.97
C ALA A 91 -0.30 -30.80 15.08
N LYS A 92 -1.22 -31.69 14.72
CA LYS A 92 -0.92 -32.81 13.83
C LYS A 92 -1.42 -32.43 12.44
N VAL A 93 -0.65 -32.81 11.42
CA VAL A 93 -1.01 -32.57 10.02
C VAL A 93 -1.95 -33.67 9.52
N VAL A 94 -3.21 -33.32 9.26
CA VAL A 94 -4.19 -34.29 8.79
C VAL A 94 -4.04 -34.62 7.31
N GLY A 95 -3.55 -33.63 6.56
CA GLY A 95 -3.37 -33.79 5.13
C GLY A 95 -3.29 -32.40 4.52
N PHE A 96 -2.98 -32.34 3.23
CA PHE A 96 -2.87 -31.06 2.59
C PHE A 96 -2.78 -31.25 1.10
N ASP A 97 -3.18 -30.23 0.34
CA ASP A 97 -3.15 -30.28 -1.11
C ASP A 97 -2.19 -29.21 -1.60
N GLN A 98 -1.08 -29.61 -2.18
CA GLN A 98 -0.10 -28.64 -2.65
C GLN A 98 -0.54 -27.69 -3.79
N ASP A 99 -1.35 -28.18 -4.71
CA ASP A 99 -1.77 -27.36 -5.85
C ASP A 99 -2.74 -26.25 -5.55
N LYS A 100 -3.42 -26.35 -4.44
CA LYS A 100 -4.41 -25.35 -4.05
C LYS A 100 -4.02 -24.70 -2.72
N ASP A 101 -2.76 -24.89 -2.34
CA ASP A 101 -2.20 -24.37 -1.11
C ASP A 101 -3.12 -24.43 0.10
N VAL A 102 -3.86 -25.53 0.24
CA VAL A 102 -4.75 -25.71 1.39
C VAL A 102 -4.27 -26.86 2.29
N ALA A 103 -4.25 -26.66 3.60
CA ALA A 103 -3.81 -27.72 4.52
C ALA A 103 -4.70 -27.81 5.76
N VAL A 104 -4.98 -29.02 6.22
CA VAL A 104 -5.80 -29.18 7.42
C VAL A 104 -4.96 -29.65 8.61
N LEU A 105 -5.26 -29.11 9.77
CA LEU A 105 -4.53 -29.47 10.97
C LEU A 105 -5.54 -29.96 12.00
N ARG A 106 -5.09 -30.76 12.96
CA ARG A 106 -5.98 -31.22 14.03
C ARG A 106 -5.28 -30.98 15.36
N ILE A 107 -5.99 -30.31 16.29
CA ILE A 107 -5.47 -30.06 17.63
C ILE A 107 -6.42 -30.76 18.59
N ASP A 108 -5.91 -31.02 19.79
CA ASP A 108 -6.69 -31.72 20.81
C ASP A 108 -7.14 -30.71 21.86
N ALA A 109 -8.34 -30.16 21.71
CA ALA A 109 -8.79 -29.15 22.65
C ALA A 109 -10.28 -29.11 22.94
N PRO A 110 -10.64 -28.45 24.03
CA PRO A 110 -11.98 -28.24 24.56
C PRO A 110 -13.00 -27.79 23.52
N LYS A 111 -14.05 -28.60 23.32
CA LYS A 111 -15.07 -28.21 22.37
C LYS A 111 -15.65 -26.81 22.64
N ASN A 112 -15.55 -26.32 23.88
CA ASN A 112 -16.10 -25.00 24.21
C ASN A 112 -15.10 -23.89 23.85
N LYS A 113 -14.04 -24.27 23.16
CA LYS A 113 -12.99 -23.35 22.71
C LYS A 113 -12.87 -23.37 21.18
N LEU A 114 -13.71 -24.11 20.50
CA LEU A 114 -13.63 -24.18 19.06
C LEU A 114 -14.91 -23.63 18.46
N ARG A 115 -14.83 -22.47 17.79
CA ARG A 115 -16.03 -21.95 17.14
C ARG A 115 -15.87 -22.22 15.65
N PRO A 116 -16.53 -23.27 15.14
CA PRO A 116 -16.36 -23.53 13.69
C PRO A 116 -16.75 -22.25 12.94
N ILE A 117 -15.97 -21.89 11.94
CA ILE A 117 -16.27 -20.67 11.22
C ILE A 117 -17.45 -20.94 10.33
N PRO A 118 -18.42 -20.04 10.33
CA PRO A 118 -19.60 -20.23 9.46
C PRO A 118 -19.08 -20.31 8.03
N VAL A 119 -19.51 -21.32 7.31
CA VAL A 119 -19.04 -21.49 5.95
C VAL A 119 -20.00 -20.90 4.90
N GLY A 120 -19.48 -20.00 4.05
CA GLY A 120 -20.28 -19.38 3.01
C GLY A 120 -20.20 -20.04 1.64
N VAL A 121 -20.60 -19.30 0.60
CA VAL A 121 -20.57 -19.82 -0.78
C VAL A 121 -19.82 -18.87 -1.69
N SER A 122 -18.86 -19.39 -2.45
CA SER A 122 -18.07 -18.53 -3.31
C SER A 122 -18.58 -18.40 -4.73
N ALA A 123 -19.36 -19.37 -5.21
CA ALA A 123 -19.84 -19.30 -6.59
C ALA A 123 -20.74 -18.10 -6.92
N ASP A 124 -21.45 -17.58 -5.93
CA ASP A 124 -22.34 -16.43 -6.14
C ASP A 124 -21.72 -15.04 -5.94
N LEU A 125 -20.45 -14.96 -5.52
CA LEU A 125 -19.81 -13.67 -5.27
C LEU A 125 -19.86 -12.72 -6.47
N LEU A 126 -19.97 -11.43 -6.15
CA LEU A 126 -20.05 -10.34 -7.13
C LEU A 126 -19.04 -9.25 -6.80
N VAL A 127 -18.35 -8.77 -7.83
CA VAL A 127 -17.37 -7.73 -7.65
C VAL A 127 -18.00 -6.47 -7.07
N GLY A 128 -17.36 -5.91 -6.05
CA GLY A 128 -17.89 -4.71 -5.44
C GLY A 128 -18.42 -4.95 -4.05
N GLN A 129 -18.78 -6.20 -3.72
CA GLN A 129 -19.29 -6.42 -2.36
C GLN A 129 -18.18 -6.31 -1.32
N LYS A 130 -18.57 -6.00 -0.10
CA LYS A 130 -17.64 -5.80 1.03
C LYS A 130 -16.97 -7.10 1.58
N VAL A 131 -15.66 -7.09 1.81
CA VAL A 131 -15.03 -8.27 2.41
C VAL A 131 -14.31 -7.91 3.72
N PHE A 132 -14.00 -8.92 4.53
CA PHE A 132 -13.36 -8.72 5.82
C PHE A 132 -12.26 -9.75 6.01
N ALA A 133 -11.04 -9.28 6.13
CA ALA A 133 -9.91 -10.18 6.33
C ALA A 133 -9.42 -10.17 7.76
N ILE A 134 -9.29 -11.36 8.33
CA ILE A 134 -8.76 -11.45 9.69
C ILE A 134 -7.55 -12.33 9.61
N GLY A 135 -6.46 -11.88 10.23
CA GLY A 135 -5.24 -12.66 10.23
C GLY A 135 -4.21 -12.06 11.14
N ASN A 136 -2.97 -12.56 11.08
CA ASN A 136 -1.91 -12.01 11.94
C ASN A 136 -0.78 -11.34 11.19
N PRO A 137 -1.09 -10.32 10.39
CA PRO A 137 0.01 -9.69 9.67
C PRO A 137 1.09 -9.07 10.59
N PHE A 138 2.35 -9.37 10.30
CA PHE A 138 3.47 -8.84 11.06
C PHE A 138 3.38 -9.20 12.53
N GLY A 139 2.75 -10.32 12.83
CA GLY A 139 2.59 -10.74 14.21
C GLY A 139 1.47 -10.01 14.90
N LEU A 140 0.77 -9.12 14.18
CA LEU A 140 -0.34 -8.36 14.74
C LEU A 140 -1.59 -9.25 14.85
N ASP A 141 -1.63 -9.92 15.99
CA ASP A 141 -2.65 -10.86 16.39
C ASP A 141 -4.07 -10.47 16.02
N HIS A 142 -4.71 -11.29 15.20
CA HIS A 142 -6.09 -11.06 14.78
C HIS A 142 -6.40 -9.65 14.26
N THR A 143 -5.66 -9.22 13.25
CA THR A 143 -5.86 -7.92 12.68
C THR A 143 -7.04 -8.00 11.74
N LEU A 144 -7.87 -6.96 11.75
CA LEU A 144 -8.99 -6.89 10.82
C LEU A 144 -8.72 -5.85 9.74
N THR A 145 -8.70 -6.26 8.47
CA THR A 145 -8.60 -5.25 7.40
C THR A 145 -9.86 -5.41 6.56
N THR A 146 -10.18 -4.33 5.88
CA THR A 146 -11.43 -4.27 5.16
C THR A 146 -11.33 -3.79 3.73
N GLY A 147 -12.11 -4.35 2.82
CA GLY A 147 -12.06 -3.88 1.44
C GLY A 147 -13.23 -4.39 0.62
N VAL A 148 -13.06 -4.51 -0.69
CA VAL A 148 -14.15 -5.06 -1.50
C VAL A 148 -13.60 -6.22 -2.32
N ILE A 149 -14.48 -6.95 -2.97
CA ILE A 149 -14.05 -7.99 -3.88
C ILE A 149 -13.66 -7.15 -5.11
N SER A 150 -12.40 -7.22 -5.50
CA SER A 150 -11.89 -6.45 -6.64
C SER A 150 -11.95 -7.18 -7.95
N GLY A 151 -11.90 -8.50 -7.89
CA GLY A 151 -11.95 -9.31 -9.08
C GLY A 151 -12.31 -10.73 -8.74
N LEU A 152 -13.02 -11.39 -9.64
CA LEU A 152 -13.40 -12.77 -9.41
C LEU A 152 -12.81 -13.60 -10.51
N ARG A 153 -12.78 -14.92 -10.30
CA ARG A 153 -12.24 -15.85 -11.28
C ARG A 153 -10.83 -15.57 -11.72
N ARG A 154 -9.99 -15.09 -10.83
CA ARG A 154 -8.62 -14.82 -11.23
C ARG A 154 -7.81 -16.11 -11.20
N GLU A 155 -6.73 -16.15 -11.97
CA GLU A 155 -5.87 -17.31 -12.02
C GLU A 155 -4.47 -16.88 -11.63
N ILE A 156 -4.00 -17.24 -10.44
CA ILE A 156 -2.64 -16.89 -10.02
C ILE A 156 -1.77 -18.14 -9.92
N SER A 157 -0.52 -18.00 -10.36
CA SER A 157 0.46 -19.09 -10.37
C SER A 157 0.60 -19.72 -8.99
N SER A 158 0.66 -21.05 -8.96
CA SER A 158 0.78 -21.84 -7.71
C SER A 158 1.50 -21.17 -6.56
N ALA A 159 0.73 -20.47 -5.72
CA ALA A 159 1.26 -19.77 -4.55
C ALA A 159 1.78 -20.79 -3.54
N ALA A 160 2.50 -21.80 -4.04
CA ALA A 160 3.09 -22.86 -3.24
C ALA A 160 4.16 -23.58 -4.06
N THR A 161 3.77 -24.13 -5.22
CA THR A 161 4.68 -24.86 -6.11
C THR A 161 4.10 -25.34 -7.47
N GLY A 162 4.26 -24.53 -8.51
CA GLY A 162 3.82 -24.90 -9.85
C GLY A 162 2.47 -24.58 -10.49
N ARG A 163 1.62 -25.59 -10.57
CA ARG A 163 0.30 -25.50 -11.19
C ARG A 163 -0.50 -24.25 -10.85
N PRO A 164 -1.21 -23.69 -11.84
CA PRO A 164 -2.04 -22.51 -11.62
C PRO A 164 -3.25 -22.85 -10.76
N ILE A 165 -3.63 -21.90 -9.91
CA ILE A 165 -4.82 -22.08 -9.08
C ILE A 165 -5.90 -21.37 -9.88
N GLN A 166 -7.11 -21.86 -9.83
CA GLN A 166 -8.18 -21.22 -10.59
C GLN A 166 -9.22 -20.68 -9.63
N ASP A 167 -10.09 -19.82 -10.16
CA ASP A 167 -11.17 -19.20 -9.39
C ASP A 167 -10.80 -18.28 -8.26
N VAL A 168 -9.54 -17.87 -8.21
CA VAL A 168 -9.08 -16.99 -7.15
C VAL A 168 -9.83 -15.64 -7.01
N ILE A 169 -10.18 -15.31 -5.76
CA ILE A 169 -10.86 -14.07 -5.42
C ILE A 169 -9.81 -12.96 -5.23
N GLN A 170 -10.00 -11.80 -5.83
CA GLN A 170 -9.04 -10.68 -5.69
C GLN A 170 -9.68 -9.61 -4.79
N THR A 171 -8.89 -9.02 -3.90
CA THR A 171 -9.42 -8.01 -3.00
C THR A 171 -8.42 -6.90 -2.69
N ASP A 172 -8.92 -5.72 -2.33
CA ASP A 172 -8.02 -4.63 -1.99
C ASP A 172 -8.00 -4.38 -0.45
N ALA A 173 -8.49 -5.37 0.31
CA ALA A 173 -8.43 -5.29 1.74
C ALA A 173 -6.95 -5.58 2.02
N ALA A 174 -6.31 -4.73 2.80
CA ALA A 174 -4.91 -4.90 3.11
C ALA A 174 -4.54 -6.34 3.56
N ILE A 175 -3.67 -6.99 2.79
CA ILE A 175 -3.23 -8.34 3.05
C ILE A 175 -1.70 -8.30 3.13
N ASN A 176 -1.11 -8.77 4.24
CA ASN A 176 0.34 -8.72 4.42
C ASN A 176 0.95 -10.03 4.89
N PRO A 177 2.27 -10.18 4.75
CA PRO A 177 2.90 -11.42 5.20
C PRO A 177 2.37 -11.66 6.63
N GLY A 178 1.82 -12.86 6.86
CA GLY A 178 1.29 -13.17 8.17
C GLY A 178 -0.21 -13.37 8.08
N ASN A 179 -0.82 -12.89 6.99
CA ASN A 179 -2.26 -13.01 6.79
C ASN A 179 -2.56 -14.36 6.15
N SER A 180 -1.54 -14.95 5.53
CA SER A 180 -1.71 -16.23 4.86
C SER A 180 -2.40 -17.24 5.83
N GLY A 181 -3.40 -17.95 5.32
CA GLY A 181 -4.13 -18.93 6.11
C GLY A 181 -5.39 -18.42 6.80
N GLY A 182 -5.49 -17.10 6.96
CA GLY A 182 -6.65 -16.52 7.61
C GLY A 182 -7.89 -16.39 6.73
N PRO A 183 -9.07 -16.21 7.33
CA PRO A 183 -10.31 -16.08 6.58
C PRO A 183 -10.59 -14.75 5.93
N LEU A 184 -11.33 -14.83 4.82
CA LEU A 184 -11.82 -13.66 4.11
C LEU A 184 -13.33 -13.89 4.26
N LEU A 185 -14.05 -12.96 4.88
CA LEU A 185 -15.49 -13.18 5.04
C LEU A 185 -16.34 -12.15 4.28
N ASP A 186 -17.56 -12.53 3.91
CA ASP A 186 -18.46 -11.60 3.23
C ASP A 186 -19.26 -10.82 4.28
N SER A 187 -20.15 -9.92 3.85
CA SER A 187 -20.91 -9.12 4.81
C SER A 187 -21.85 -9.93 5.70
N SER A 188 -22.10 -11.18 5.33
CA SER A 188 -22.98 -12.07 6.11
C SER A 188 -22.18 -12.78 7.20
N GLY A 189 -20.93 -12.38 7.36
CA GLY A 189 -20.09 -12.99 8.37
C GLY A 189 -19.82 -14.44 8.07
N THR A 190 -19.64 -14.78 6.80
CA THR A 190 -19.37 -16.16 6.45
C THR A 190 -18.07 -16.28 5.65
N LEU A 191 -17.45 -17.45 5.75
CA LEU A 191 -16.19 -17.75 5.06
C LEU A 191 -16.33 -17.85 3.54
N ILE A 192 -15.70 -16.93 2.81
CA ILE A 192 -15.80 -17.00 1.35
C ILE A 192 -14.46 -17.31 0.72
N GLY A 193 -13.39 -17.26 1.52
CA GLY A 193 -12.09 -17.57 0.97
C GLY A 193 -10.96 -17.54 1.98
N ILE A 194 -9.83 -18.13 1.59
CA ILE A 194 -8.62 -18.16 2.44
C ILE A 194 -7.57 -17.16 1.90
N ASN A 195 -7.24 -16.14 2.68
CA ASN A 195 -6.24 -15.20 2.22
C ASN A 195 -4.90 -15.92 2.01
N THR A 196 -4.39 -15.90 0.78
CA THR A 196 -3.14 -16.60 0.58
C THR A 196 -1.95 -15.90 -0.10
N ALA A 197 -2.16 -14.87 -0.92
CA ALA A 197 -1.03 -14.21 -1.56
C ALA A 197 -1.36 -12.84 -2.11
N ILE A 198 -0.31 -12.19 -2.60
CA ILE A 198 -0.44 -10.85 -3.11
C ILE A 198 0.53 -10.58 -4.24
N TYR A 199 0.21 -9.50 -4.95
CA TYR A 199 1.06 -9.01 -6.02
C TYR A 199 1.64 -7.73 -5.41
N SER A 200 2.97 -7.62 -5.38
CA SER A 200 3.58 -6.43 -4.81
C SER A 200 5.08 -6.36 -5.07
N PRO A 201 5.55 -5.23 -5.56
CA PRO A 201 6.99 -5.15 -5.81
C PRO A 201 7.70 -4.93 -4.51
N SER A 202 6.96 -4.50 -3.49
CA SER A 202 7.55 -4.21 -2.19
C SER A 202 7.55 -5.43 -1.31
N GLY A 203 6.65 -6.35 -1.59
CA GLY A 203 6.58 -7.52 -0.76
C GLY A 203 5.51 -7.35 0.31
N ALA A 204 4.96 -6.14 0.39
CA ALA A 204 3.90 -5.90 1.34
C ALA A 204 2.67 -5.41 0.57
N SER A 205 1.58 -5.23 1.27
CA SER A 205 0.37 -4.85 0.63
C SER A 205 0.35 -3.62 -0.24
N SER A 206 -0.17 -3.77 -1.45
CA SER A 206 -0.36 -2.64 -2.31
C SER A 206 -1.71 -2.76 -2.97
N GLY A 207 -2.68 -3.29 -2.26
CA GLY A 207 -4.00 -3.35 -2.85
C GLY A 207 -4.44 -4.55 -3.67
N VAL A 208 -3.57 -5.52 -3.98
CA VAL A 208 -4.12 -6.67 -4.67
C VAL A 208 -3.72 -8.00 -4.05
N GLY A 209 -4.68 -8.51 -3.29
CA GLY A 209 -4.51 -9.76 -2.60
C GLY A 209 -5.45 -10.79 -3.16
N PHE A 210 -5.00 -12.05 -3.08
CA PHE A 210 -5.80 -13.14 -3.57
C PHE A 210 -6.10 -14.15 -2.50
N SER A 211 -7.29 -14.70 -2.55
CA SER A 211 -7.68 -15.75 -1.61
C SER A 211 -8.48 -16.84 -2.33
N ILE A 212 -8.11 -18.09 -2.07
CA ILE A 212 -8.76 -19.26 -2.66
C ILE A 212 -10.20 -19.30 -2.17
N PRO A 213 -11.17 -19.49 -3.08
CA PRO A 213 -12.60 -19.55 -2.80
C PRO A 213 -13.02 -20.68 -1.88
N VAL A 214 -13.95 -20.39 -0.97
CA VAL A 214 -14.44 -21.37 -0.02
C VAL A 214 -14.97 -22.66 -0.63
N ASP A 215 -15.63 -22.55 -1.79
CA ASP A 215 -16.17 -23.71 -2.48
C ASP A 215 -15.02 -24.68 -2.73
N THR A 216 -13.92 -24.17 -3.27
CA THR A 216 -12.76 -25.01 -3.51
C THR A 216 -12.21 -25.54 -2.18
N VAL A 217 -12.22 -24.70 -1.15
CA VAL A 217 -11.69 -25.07 0.17
C VAL A 217 -12.57 -26.10 0.85
N GLY A 218 -13.89 -25.90 0.75
CA GLY A 218 -14.83 -26.82 1.35
C GLY A 218 -14.51 -28.24 0.90
N GLY A 219 -14.42 -28.42 -0.41
CA GLY A 219 -14.13 -29.74 -0.95
C GLY A 219 -12.85 -30.34 -0.41
N ILE A 220 -11.74 -29.66 -0.61
CA ILE A 220 -10.45 -30.14 -0.16
C ILE A 220 -10.37 -30.46 1.36
N VAL A 221 -10.99 -29.65 2.21
CA VAL A 221 -10.91 -29.93 3.64
C VAL A 221 -11.59 -31.26 3.87
N ASP A 222 -12.81 -31.36 3.33
CA ASP A 222 -13.60 -32.57 3.42
C ASP A 222 -12.76 -33.80 3.02
N GLN A 223 -12.23 -33.78 1.80
CA GLN A 223 -11.39 -34.88 1.34
C GLN A 223 -10.29 -35.18 2.36
N LEU A 224 -9.45 -34.19 2.64
CA LEU A 224 -8.36 -34.39 3.58
C LEU A 224 -8.80 -35.02 4.89
N VAL A 225 -9.88 -34.54 5.46
CA VAL A 225 -10.34 -35.11 6.73
C VAL A 225 -10.51 -36.62 6.59
N ARG A 226 -11.17 -37.03 5.50
CA ARG A 226 -11.44 -38.44 5.26
C ARG A 226 -10.32 -39.31 4.68
N PHE A 227 -9.78 -38.96 3.53
CA PHE A 227 -8.73 -39.80 2.93
C PHE A 227 -7.31 -39.29 3.21
N GLY A 228 -7.21 -38.23 4.02
CA GLY A 228 -5.91 -37.66 4.36
C GLY A 228 -5.09 -37.25 3.14
N LYS A 229 -5.78 -37.00 2.03
CA LYS A 229 -5.13 -36.61 0.78
C LYS A 229 -6.24 -36.54 -0.25
N VAL A 230 -6.07 -35.74 -1.29
CA VAL A 230 -7.12 -35.69 -2.29
C VAL A 230 -6.60 -36.19 -3.62
N THR A 231 -7.38 -37.07 -4.23
CA THR A 231 -7.01 -37.65 -5.51
C THR A 231 -7.27 -36.68 -6.67
N ARG A 232 -6.28 -36.58 -7.56
CA ARG A 232 -6.36 -35.70 -8.73
C ARG A 232 -6.04 -36.48 -10.00
N PRO A 233 -6.78 -36.19 -11.07
CA PRO A 233 -6.58 -36.86 -12.35
C PRO A 233 -5.31 -36.32 -12.99
N ILE A 234 -4.56 -37.21 -13.62
CA ILE A 234 -3.34 -36.81 -14.29
C ILE A 234 -3.42 -37.34 -15.69
N LEU A 235 -2.77 -36.62 -16.59
CA LEU A 235 -2.73 -36.97 -17.99
C LEU A 235 -1.57 -37.94 -18.22
N GLY A 236 -0.49 -37.75 -17.46
CA GLY A 236 0.66 -38.60 -17.59
C GLY A 236 1.64 -37.99 -18.57
N ILE A 237 1.66 -36.67 -18.61
CA ILE A 237 2.54 -35.97 -19.52
C ILE A 237 3.45 -34.94 -18.82
N LYS A 238 4.66 -34.79 -19.35
CA LYS A 238 5.63 -33.81 -18.86
C LYS A 238 5.80 -32.92 -20.05
N PHE A 239 5.73 -31.61 -19.85
CA PHE A 239 5.88 -30.72 -20.96
C PHE A 239 6.75 -29.52 -20.70
N ALA A 240 7.09 -28.82 -21.78
CA ALA A 240 7.95 -27.66 -21.74
C ALA A 240 7.15 -26.40 -21.39
N PRO A 241 7.80 -25.44 -20.73
CA PRO A 241 7.21 -24.16 -20.31
C PRO A 241 6.85 -23.25 -21.48
N ASP A 242 5.95 -22.32 -21.23
CA ASP A 242 5.51 -21.41 -22.27
C ASP A 242 6.66 -20.60 -22.86
N GLN A 243 7.77 -20.56 -22.15
CA GLN A 243 8.92 -19.82 -22.62
C GLN A 243 9.85 -20.63 -23.54
N SER A 244 9.72 -21.95 -23.53
CA SER A 244 10.55 -22.79 -24.42
C SER A 244 9.78 -23.15 -25.69
N VAL A 245 8.49 -22.83 -25.69
CA VAL A 245 7.61 -23.09 -26.82
C VAL A 245 7.56 -21.83 -27.67
N GLU A 246 8.46 -20.89 -27.35
CA GLU A 246 8.55 -19.61 -28.04
C GLU A 246 9.42 -19.63 -29.28
N GLN A 247 10.73 -19.82 -29.06
CA GLN A 247 11.71 -19.86 -30.14
C GLN A 247 11.36 -20.89 -31.22
N LEU A 248 10.88 -22.04 -30.80
CA LEU A 248 10.47 -23.07 -31.76
C LEU A 248 9.28 -22.46 -32.51
N GLY A 249 8.54 -21.62 -31.80
CA GLY A 249 7.42 -20.88 -32.37
C GLY A 249 6.05 -21.47 -32.69
N VAL A 250 5.41 -22.19 -31.77
CA VAL A 250 4.10 -22.73 -32.10
C VAL A 250 3.12 -22.86 -30.94
N SER A 251 1.87 -22.52 -31.26
CA SER A 251 0.79 -22.59 -30.30
C SER A 251 0.61 -24.05 -29.91
N GLY A 252 0.62 -24.31 -28.61
CA GLY A 252 0.45 -25.66 -28.14
C GLY A 252 1.39 -26.02 -27.00
N VAL A 253 1.08 -27.14 -26.38
CA VAL A 253 1.86 -27.67 -25.27
C VAL A 253 2.63 -28.85 -25.81
N LEU A 254 3.95 -28.72 -25.91
CA LEU A 254 4.80 -29.80 -26.43
C LEU A 254 5.02 -30.91 -25.43
N VAL A 255 4.75 -32.15 -25.85
CA VAL A 255 4.93 -33.31 -24.99
C VAL A 255 6.43 -33.68 -24.95
N LEU A 256 7.02 -33.68 -23.76
CA LEU A 256 8.44 -34.00 -23.61
C LEU A 256 8.68 -35.40 -23.09
N ASP A 257 7.66 -36.01 -22.51
CA ASP A 257 7.81 -37.37 -22.00
C ASP A 257 6.51 -37.99 -21.55
N ALA A 258 6.04 -39.00 -22.26
CA ALA A 258 4.81 -39.69 -21.87
C ALA A 258 5.16 -41.07 -21.33
N PRO A 259 5.40 -41.17 -20.02
CA PRO A 259 5.74 -42.44 -19.39
C PRO A 259 4.78 -43.53 -19.84
N PRO A 260 5.30 -44.60 -20.44
CA PRO A 260 4.46 -45.71 -20.91
C PRO A 260 3.43 -46.17 -19.87
N SER A 261 3.67 -45.84 -18.61
CA SER A 261 2.72 -46.21 -17.56
C SER A 261 1.63 -45.14 -17.46
N GLY A 262 2.06 -43.86 -17.40
CA GLY A 262 1.13 -42.75 -17.30
C GLY A 262 0.20 -42.64 -18.50
N PRO A 263 -1.11 -42.84 -18.30
CA PRO A 263 -2.16 -42.80 -19.30
C PRO A 263 -1.80 -42.28 -20.69
N ALA A 264 -1.28 -41.06 -20.78
CA ALA A 264 -0.90 -40.50 -22.07
C ALA A 264 0.01 -41.42 -22.88
N GLY A 265 0.92 -42.10 -22.18
CA GLY A 265 1.85 -43.02 -22.83
C GLY A 265 1.15 -44.29 -23.27
N LYS A 266 0.25 -44.78 -22.42
CA LYS A 266 -0.54 -45.96 -22.73
C LYS A 266 -1.22 -45.68 -24.07
N ALA A 267 -1.80 -44.48 -24.19
CA ALA A 267 -2.53 -44.06 -25.39
C ALA A 267 -1.70 -43.86 -26.66
N GLY A 268 -0.40 -43.60 -26.53
CA GLY A 268 0.40 -43.43 -27.73
C GLY A 268 0.92 -42.04 -28.07
N LEU A 269 1.12 -41.22 -27.05
CA LEU A 269 1.67 -39.89 -27.28
C LEU A 269 3.17 -40.08 -27.40
N GLN A 270 3.79 -39.38 -28.33
CA GLN A 270 5.22 -39.51 -28.50
C GLN A 270 6.00 -38.34 -27.93
N SER A 271 6.97 -38.68 -27.09
CA SER A 271 7.83 -37.70 -26.43
C SER A 271 8.87 -37.09 -27.36
N THR A 272 9.45 -35.96 -26.94
CA THR A 272 10.48 -35.33 -27.75
C THR A 272 11.77 -36.14 -27.65
N LYS A 273 12.52 -36.21 -28.74
CA LYS A 273 13.77 -36.96 -28.79
C LYS A 273 14.88 -36.22 -29.53
N ARG A 274 16.06 -36.84 -29.54
CA ARG A 274 17.22 -36.28 -30.22
C ARG A 274 17.73 -37.24 -31.28
N ASP A 275 17.72 -36.80 -32.55
CA ASP A 275 18.16 -37.64 -33.67
C ASP A 275 19.66 -38.00 -33.60
N GLY A 276 20.07 -38.97 -34.41
CA GLY A 276 21.46 -39.41 -34.44
C GLY A 276 22.48 -38.31 -34.16
N TYR A 277 22.34 -37.18 -34.84
CA TYR A 277 23.25 -36.04 -34.69
C TYR A 277 23.06 -35.40 -33.31
N GLY A 278 21.99 -34.63 -33.20
CA GLY A 278 21.68 -33.98 -31.93
C GLY A 278 20.46 -33.09 -32.03
N ARG A 279 19.95 -32.89 -33.25
CA ARG A 279 18.77 -32.05 -33.43
C ARG A 279 17.53 -32.63 -32.76
N LEU A 280 16.50 -31.80 -32.68
CA LEU A 280 15.26 -32.17 -32.02
C LEU A 280 14.24 -32.98 -32.81
N VAL A 281 13.98 -34.19 -32.34
CA VAL A 281 12.97 -35.04 -32.95
C VAL A 281 11.71 -34.64 -32.17
N LEU A 282 11.10 -33.56 -32.63
CA LEU A 282 9.92 -32.97 -32.03
C LEU A 282 8.75 -33.89 -31.68
N GLY A 283 8.71 -34.41 -30.46
CA GLY A 283 7.60 -35.26 -30.05
C GLY A 283 6.24 -34.61 -30.30
N ASP A 284 5.17 -35.22 -29.82
CA ASP A 284 3.84 -34.64 -30.04
C ASP A 284 3.71 -33.20 -29.56
N ILE A 285 2.54 -32.62 -29.81
CA ILE A 285 2.26 -31.26 -29.39
C ILE A 285 0.75 -31.06 -29.29
N ILE A 286 0.27 -31.02 -28.04
CA ILE A 286 -1.15 -30.86 -27.73
C ILE A 286 -1.69 -29.47 -28.07
N THR A 287 -2.77 -29.44 -28.85
CA THR A 287 -3.40 -28.19 -29.28
C THR A 287 -4.88 -28.13 -28.91
N SER A 288 -5.38 -29.18 -28.26
CA SER A 288 -6.77 -29.22 -27.86
C SER A 288 -7.10 -30.47 -27.07
N VAL A 289 -8.00 -30.31 -26.10
CA VAL A 289 -8.44 -31.41 -25.26
C VAL A 289 -9.96 -31.43 -25.28
N ASN A 290 -10.50 -32.51 -25.86
CA ASN A 290 -11.94 -32.73 -26.04
C ASN A 290 -12.80 -31.45 -26.09
N GLY A 291 -12.43 -30.56 -26.99
CA GLY A 291 -13.16 -29.32 -27.15
C GLY A 291 -12.34 -28.05 -27.05
N THR A 292 -11.87 -27.75 -25.84
CA THR A 292 -11.08 -26.56 -25.57
C THR A 292 -9.73 -26.52 -26.26
N LYS A 293 -9.39 -25.37 -26.88
CA LYS A 293 -8.10 -25.26 -27.54
C LYS A 293 -7.00 -24.92 -26.55
N VAL A 294 -6.00 -25.79 -26.49
CA VAL A 294 -4.86 -25.61 -25.60
C VAL A 294 -3.81 -24.85 -26.40
N SER A 295 -2.95 -24.12 -25.70
CA SER A 295 -1.91 -23.37 -26.41
C SER A 295 -0.75 -22.92 -25.52
N ASN A 296 -0.82 -23.23 -24.22
CA ASN A 296 0.23 -22.82 -23.32
C ASN A 296 0.37 -23.67 -22.07
N GLY A 297 -0.75 -24.02 -21.47
CA GLY A 297 -0.68 -24.81 -20.27
C GLY A 297 -1.65 -24.21 -19.27
N SER A 298 -1.68 -22.89 -19.20
CA SER A 298 -2.62 -22.25 -18.30
C SER A 298 -3.94 -22.83 -18.79
N ASP A 299 -3.92 -23.18 -20.08
CA ASP A 299 -5.06 -23.78 -20.76
C ASP A 299 -5.13 -25.27 -20.41
N LEU A 300 -4.20 -26.05 -20.95
CA LEU A 300 -4.19 -27.49 -20.69
C LEU A 300 -4.53 -27.72 -19.23
N TYR A 301 -3.89 -26.96 -18.35
CA TYR A 301 -4.11 -27.06 -16.91
C TYR A 301 -5.54 -26.69 -16.55
N ARG A 302 -5.90 -25.45 -16.86
CA ARG A 302 -7.22 -24.91 -16.60
C ARG A 302 -8.29 -25.95 -16.92
N ILE A 303 -8.30 -26.40 -18.17
CA ILE A 303 -9.27 -27.39 -18.63
C ILE A 303 -9.18 -28.68 -17.84
N LEU A 304 -8.09 -29.41 -18.02
CA LEU A 304 -7.90 -30.68 -17.35
C LEU A 304 -8.22 -30.57 -15.86
N ASP A 305 -8.12 -29.35 -15.33
CA ASP A 305 -8.38 -29.10 -13.91
C ASP A 305 -9.83 -29.29 -13.50
N GLN A 306 -10.67 -29.67 -14.45
CA GLN A 306 -12.08 -29.87 -14.15
C GLN A 306 -12.53 -31.30 -14.38
N CYS A 307 -11.59 -32.18 -14.72
CA CYS A 307 -11.91 -33.58 -14.99
C CYS A 307 -11.76 -34.44 -13.74
N LYS A 308 -12.33 -35.63 -13.78
CA LYS A 308 -12.25 -36.53 -12.66
C LYS A 308 -11.44 -37.72 -13.12
N VAL A 309 -10.85 -38.45 -12.19
CA VAL A 309 -10.09 -39.62 -12.57
C VAL A 309 -11.09 -40.45 -13.34
N GLY A 310 -10.67 -41.03 -14.46
CA GLY A 310 -11.57 -41.86 -15.25
C GLY A 310 -12.05 -41.22 -16.54
N ASP A 311 -12.44 -39.96 -16.46
CA ASP A 311 -12.94 -39.24 -17.63
C ASP A 311 -12.14 -39.44 -18.91
N GLU A 312 -12.58 -40.35 -19.78
CA GLU A 312 -11.88 -40.56 -21.05
C GLU A 312 -12.02 -39.26 -21.85
N VAL A 313 -10.90 -38.59 -22.08
CA VAL A 313 -10.93 -37.36 -22.83
C VAL A 313 -10.13 -37.48 -24.11
N THR A 314 -10.63 -36.85 -25.17
CA THR A 314 -9.97 -36.90 -26.45
C THR A 314 -8.98 -35.75 -26.49
N VAL A 315 -7.77 -36.03 -26.93
CA VAL A 315 -6.77 -34.99 -26.97
C VAL A 315 -6.31 -34.82 -28.42
N GLU A 316 -6.28 -33.58 -28.88
CA GLU A 316 -5.86 -33.28 -30.25
C GLU A 316 -4.38 -32.89 -30.30
N VAL A 317 -3.57 -33.75 -30.89
CA VAL A 317 -2.15 -33.48 -31.01
C VAL A 317 -1.81 -33.04 -32.42
N LEU A 318 -0.54 -33.20 -32.78
CA LEU A 318 -0.04 -32.83 -34.10
C LEU A 318 1.31 -33.48 -34.30
N ARG A 319 1.53 -34.09 -35.47
CA ARG A 319 2.82 -34.69 -35.74
C ARG A 319 3.30 -34.62 -37.18
N GLY A 320 2.68 -35.40 -38.07
CA GLY A 320 3.11 -35.43 -39.47
C GLY A 320 2.48 -34.47 -40.48
N ASP A 321 2.54 -33.17 -40.18
CA ASP A 321 2.01 -32.11 -41.04
C ASP A 321 0.49 -32.26 -41.10
N HIS A 322 -0.03 -33.01 -40.14
CA HIS A 322 -1.46 -33.29 -40.03
C HIS A 322 -1.82 -33.35 -38.55
N LYS A 323 -3.10 -33.14 -38.25
CA LYS A 323 -3.54 -33.23 -36.87
C LYS A 323 -4.06 -34.65 -36.64
N GLU A 324 -4.33 -34.98 -35.39
CA GLU A 324 -4.83 -36.30 -35.05
C GLU A 324 -5.56 -36.21 -33.72
N LYS A 325 -6.32 -37.25 -33.38
CA LYS A 325 -7.07 -37.24 -32.12
C LYS A 325 -6.95 -38.53 -31.33
N ILE A 326 -6.24 -38.45 -30.20
CA ILE A 326 -6.03 -39.62 -29.36
C ILE A 326 -6.98 -39.60 -28.16
N SER A 327 -7.50 -40.77 -27.83
CA SER A 327 -8.40 -40.93 -26.71
C SER A 327 -7.63 -41.37 -25.48
N VAL A 328 -7.60 -40.53 -24.45
CA VAL A 328 -6.88 -40.85 -23.21
C VAL A 328 -7.79 -40.88 -21.98
N THR A 329 -7.58 -41.87 -21.12
CA THR A 329 -8.37 -42.01 -19.91
C THR A 329 -7.57 -41.56 -18.68
N LEU A 330 -8.09 -40.55 -17.99
CA LEU A 330 -7.42 -40.00 -16.83
C LEU A 330 -7.30 -40.88 -15.62
N GLU A 331 -6.12 -40.87 -15.02
CA GLU A 331 -5.85 -41.64 -13.81
C GLU A 331 -5.33 -40.67 -12.75
N PRO A 332 -5.15 -41.15 -11.52
CA PRO A 332 -4.65 -40.28 -10.44
C PRO A 332 -3.15 -40.43 -10.18
N LYS A 333 -2.53 -39.37 -9.65
CA LYS A 333 -1.10 -39.41 -9.33
C LYS A 333 -0.95 -40.22 -8.04
N PRO A 334 0.04 -41.13 -7.97
CA PRO A 334 0.34 -42.01 -6.82
C PRO A 334 1.02 -41.42 -5.57
N PRO B 9 -27.43 -16.27 -4.07
CA PRO B 9 -27.13 -14.92 -3.55
C PRO B 9 -27.74 -14.67 -2.19
N LYS B 10 -27.01 -13.90 -1.37
CA LYS B 10 -27.44 -13.53 -0.03
C LYS B 10 -27.86 -12.06 -0.11
N LYS B 11 -28.62 -11.58 0.85
CA LYS B 11 -29.00 -10.19 0.77
C LYS B 11 -27.81 -9.35 1.16
N LEU B 12 -27.37 -8.49 0.24
CA LEU B 12 -26.26 -7.58 0.45
C LEU B 12 -26.78 -6.27 1.03
N GLN B 13 -25.94 -5.58 1.78
CA GLN B 13 -26.35 -4.32 2.38
C GLN B 13 -26.40 -3.16 1.38
N THR B 14 -27.18 -2.15 1.71
CA THR B 14 -27.37 -0.97 0.87
C THR B 14 -26.11 -0.61 0.13
N ASP B 15 -25.17 -0.07 0.90
CA ASP B 15 -23.90 0.38 0.37
C ASP B 15 -23.18 -0.53 -0.61
N GLU B 16 -22.87 -1.76 -0.19
CA GLU B 16 -22.16 -2.66 -1.08
C GLU B 16 -22.96 -2.91 -2.34
N LEU B 17 -24.28 -2.97 -2.20
CA LEU B 17 -25.14 -3.20 -3.35
C LEU B 17 -24.93 -2.05 -4.35
N ALA B 18 -24.92 -0.82 -3.84
CA ALA B 18 -24.68 0.32 -4.70
C ALA B 18 -23.37 0.16 -5.46
N THR B 19 -22.31 -0.34 -4.82
CA THR B 19 -21.07 -0.44 -5.58
C THR B 19 -21.12 -1.66 -6.50
N VAL B 20 -21.76 -2.75 -6.07
CA VAL B 20 -21.87 -3.92 -6.94
C VAL B 20 -22.50 -3.48 -8.27
N ARG B 21 -23.58 -2.71 -8.15
CA ARG B 21 -24.30 -2.20 -9.29
C ARG B 21 -23.45 -1.27 -10.13
N LEU B 22 -22.89 -0.24 -9.48
CA LEU B 22 -22.06 0.72 -10.17
C LEU B 22 -21.03 0.00 -11.02
N PHE B 23 -20.45 -1.06 -10.47
CA PHE B 23 -19.45 -1.81 -11.22
C PHE B 23 -20.03 -2.51 -12.44
N GLN B 24 -21.13 -3.24 -12.27
CA GLN B 24 -21.67 -3.94 -13.43
C GLN B 24 -22.13 -2.97 -14.50
N GLU B 25 -22.72 -1.84 -14.10
CA GLU B 25 -23.17 -0.86 -15.09
C GLU B 25 -22.02 -0.26 -15.93
N ASN B 26 -20.90 0.03 -15.27
CA ASN B 26 -19.78 0.68 -15.94
C ASN B 26 -18.60 -0.12 -16.40
N THR B 27 -18.40 -1.34 -15.90
CA THR B 27 -17.24 -2.11 -16.35
C THR B 27 -17.25 -2.29 -17.85
N PRO B 28 -18.44 -2.34 -18.49
CA PRO B 28 -18.50 -2.51 -19.95
C PRO B 28 -17.81 -1.37 -20.67
N SER B 29 -17.86 -0.16 -20.12
CA SER B 29 -17.21 0.98 -20.74
C SER B 29 -15.69 0.96 -20.63
N VAL B 30 -15.14 0.07 -19.83
CA VAL B 30 -13.69 0.06 -19.66
C VAL B 30 -13.04 -0.90 -20.62
N VAL B 31 -11.83 -0.57 -21.08
CA VAL B 31 -11.10 -1.40 -22.03
C VAL B 31 -9.65 -1.65 -21.63
N TYR B 32 -9.05 -2.71 -22.19
CA TYR B 32 -7.66 -3.07 -21.92
C TYR B 32 -6.84 -2.58 -23.15
N ILE B 33 -5.67 -1.98 -22.94
CA ILE B 33 -4.87 -1.48 -24.05
C ILE B 33 -3.49 -2.15 -24.16
N THR B 34 -3.15 -2.73 -25.32
CA THR B 34 -1.82 -3.35 -25.43
C THR B 34 -0.83 -2.65 -26.37
N ASN B 35 0.29 -2.28 -25.77
CA ASN B 35 1.41 -1.59 -26.41
C ASN B 35 2.41 -2.62 -26.98
N LEU B 36 2.18 -3.11 -28.20
CA LEU B 36 3.10 -4.11 -28.80
C LEU B 36 4.39 -3.52 -29.37
N ALA B 37 5.55 -4.06 -28.96
CA ALA B 37 6.82 -3.56 -29.47
C ALA B 37 7.45 -4.58 -30.41
N VAL B 38 8.34 -4.09 -31.26
CA VAL B 38 8.99 -4.94 -32.23
C VAL B 38 10.18 -5.70 -31.64
N ARG B 39 10.18 -7.01 -31.84
CA ARG B 39 11.26 -7.85 -31.37
C ARG B 39 11.68 -8.80 -32.50
N GLN B 40 12.93 -9.23 -32.49
CA GLN B 40 13.43 -10.12 -33.53
C GLN B 40 13.30 -11.60 -33.25
N ASP B 41 13.20 -12.38 -34.33
CA ASP B 41 13.14 -13.83 -34.24
C ASP B 41 14.61 -14.23 -34.18
N ALA B 42 15.00 -14.97 -33.14
CA ALA B 42 16.39 -15.35 -33.03
C ALA B 42 16.90 -16.12 -34.25
N PHE B 43 15.99 -16.76 -34.99
CA PHE B 43 16.36 -17.55 -36.17
C PHE B 43 15.83 -16.99 -37.48
N THR B 44 14.55 -16.61 -37.48
CA THR B 44 13.91 -16.07 -38.67
C THR B 44 14.45 -14.68 -39.03
N LEU B 45 15.04 -14.01 -38.07
CA LEU B 45 15.57 -12.67 -38.31
C LEU B 45 14.51 -11.67 -38.77
N ASP B 46 13.26 -12.12 -38.89
CA ASP B 46 12.21 -11.20 -39.26
C ASP B 46 11.71 -10.65 -37.94
N VAL B 47 10.50 -10.14 -37.96
CA VAL B 47 9.99 -9.54 -36.76
C VAL B 47 8.74 -10.20 -36.20
N LEU B 48 8.49 -9.92 -34.92
CA LEU B 48 7.32 -10.39 -34.19
C LEU B 48 6.84 -9.22 -33.32
N GLU B 49 5.53 -9.07 -33.21
CA GLU B 49 4.99 -8.01 -32.35
C GLU B 49 4.86 -8.62 -30.94
N VAL B 50 5.32 -7.89 -29.94
CA VAL B 50 5.27 -8.43 -28.60
C VAL B 50 5.12 -7.38 -27.49
N PRO B 51 4.04 -7.50 -26.68
CA PRO B 51 3.67 -6.63 -25.56
C PRO B 51 4.82 -6.15 -24.66
N GLN B 52 4.98 -4.84 -24.55
CA GLN B 52 6.01 -4.28 -23.68
C GLN B 52 5.31 -3.44 -22.59
N GLY B 53 3.98 -3.30 -22.73
CA GLY B 53 3.19 -2.54 -21.78
C GLY B 53 1.73 -2.95 -21.72
N SER B 54 1.06 -2.57 -20.64
CA SER B 54 -0.36 -2.85 -20.42
C SER B 54 -1.01 -1.66 -19.70
N GLY B 55 -2.18 -1.26 -20.17
CA GLY B 55 -2.88 -0.15 -19.56
C GLY B 55 -4.38 -0.22 -19.80
N SER B 56 -5.10 0.81 -19.40
CA SER B 56 -6.54 0.81 -19.63
C SER B 56 -7.02 2.10 -20.28
N GLY B 57 -8.32 2.12 -20.51
CA GLY B 57 -8.98 3.25 -21.11
C GLY B 57 -10.48 3.00 -21.01
N PHE B 58 -11.26 3.94 -21.48
CA PHE B 58 -12.70 3.79 -21.46
C PHE B 58 -13.25 4.30 -22.78
N VAL B 59 -14.47 3.90 -23.11
CA VAL B 59 -15.12 4.31 -24.35
C VAL B 59 -15.66 5.71 -24.16
N TRP B 60 -15.29 6.60 -25.08
CA TRP B 60 -15.77 7.95 -24.97
C TRP B 60 -17.06 8.24 -25.71
N ASP B 61 -17.26 7.58 -26.84
CA ASP B 61 -18.47 7.79 -27.66
C ASP B 61 -18.78 6.65 -28.62
N LYS B 62 -19.99 6.71 -29.18
CA LYS B 62 -20.42 5.68 -30.10
C LYS B 62 -19.56 5.54 -31.37
N GLN B 63 -18.77 6.58 -31.69
CA GLN B 63 -17.91 6.52 -32.86
C GLN B 63 -16.58 5.81 -32.62
N GLY B 64 -16.51 4.97 -31.59
CA GLY B 64 -15.28 4.23 -31.30
C GLY B 64 -14.07 4.98 -30.74
N HIS B 65 -14.30 6.14 -30.15
CA HIS B 65 -13.21 6.89 -29.56
C HIS B 65 -12.91 6.36 -28.16
N ILE B 66 -11.63 6.11 -27.92
CA ILE B 66 -11.14 5.58 -26.65
C ILE B 66 -10.15 6.58 -26.01
N VAL B 67 -10.35 6.83 -24.71
CA VAL B 67 -9.52 7.75 -23.95
C VAL B 67 -8.51 7.01 -23.07
N THR B 68 -7.33 7.59 -22.90
CA THR B 68 -6.34 6.96 -22.07
C THR B 68 -5.26 7.96 -21.73
N ASN B 69 -4.23 7.49 -21.05
CA ASN B 69 -3.12 8.33 -20.70
C ASN B 69 -2.19 8.28 -21.90
N TYR B 70 -1.62 9.42 -22.22
CA TYR B 70 -0.69 9.41 -23.32
C TYR B 70 0.49 8.51 -22.98
N HIS B 71 1.00 8.60 -21.75
CA HIS B 71 2.16 7.78 -21.40
C HIS B 71 1.98 6.29 -21.60
N VAL B 72 0.74 5.84 -21.72
CA VAL B 72 0.42 4.42 -21.95
C VAL B 72 0.61 4.06 -23.42
N ILE B 73 0.41 5.06 -24.29
CA ILE B 73 0.48 4.94 -25.75
C ILE B 73 1.88 5.19 -26.28
N ARG B 74 2.61 6.07 -25.62
CA ARG B 74 3.97 6.41 -26.04
C ARG B 74 4.77 5.21 -26.51
N GLY B 75 5.43 5.38 -27.66
CA GLY B 75 6.29 4.34 -28.23
C GLY B 75 5.75 3.01 -28.74
N ALA B 76 4.46 2.92 -29.05
CA ALA B 76 3.91 1.66 -29.55
C ALA B 76 3.93 1.47 -31.08
N SER B 77 4.75 0.54 -31.57
CA SER B 77 4.76 0.31 -33.01
C SER B 77 3.31 0.00 -33.42
N ASP B 78 2.56 -0.63 -32.52
CA ASP B 78 1.16 -0.95 -32.77
C ASP B 78 0.48 -1.07 -31.40
N LEU B 79 -0.81 -0.76 -31.36
CA LEU B 79 -1.56 -0.85 -30.12
C LEU B 79 -2.91 -1.40 -30.44
N ARG B 80 -3.40 -2.24 -29.53
CA ARG B 80 -4.68 -2.90 -29.67
C ARG B 80 -5.51 -2.72 -28.41
N VAL B 81 -6.80 -2.44 -28.57
CA VAL B 81 -7.67 -2.31 -27.41
C VAL B 81 -8.56 -3.54 -27.31
N THR B 82 -8.66 -4.13 -26.11
CA THR B 82 -9.54 -5.29 -25.92
C THR B 82 -10.77 -4.77 -25.20
N LEU B 83 -11.94 -5.13 -25.68
CA LEU B 83 -13.16 -4.68 -25.05
C LEU B 83 -13.62 -5.69 -24.01
N ALA B 84 -14.65 -5.30 -23.27
CA ALA B 84 -15.24 -6.11 -22.22
C ALA B 84 -15.28 -7.59 -22.60
N ASP B 85 -16.08 -7.91 -23.63
CA ASP B 85 -16.24 -9.29 -24.13
C ASP B 85 -15.00 -10.00 -24.65
N GLN B 86 -13.85 -9.34 -24.59
CA GLN B 86 -12.58 -9.90 -25.06
C GLN B 86 -12.26 -9.78 -26.55
N THR B 87 -13.17 -9.21 -27.32
CA THR B 87 -12.92 -9.01 -28.74
C THR B 87 -11.85 -7.93 -28.83
N THR B 88 -10.69 -8.25 -29.39
CA THR B 88 -9.59 -7.28 -29.49
C THR B 88 -9.57 -6.56 -30.85
N PHE B 89 -9.33 -5.24 -30.82
CA PHE B 89 -9.29 -4.43 -32.04
C PHE B 89 -8.00 -3.66 -32.21
N ASP B 90 -7.74 -3.26 -33.45
CA ASP B 90 -6.54 -2.48 -33.77
C ASP B 90 -6.96 -1.03 -33.58
N ALA B 91 -6.05 -0.22 -33.03
CA ALA B 91 -6.41 1.16 -32.74
C ALA B 91 -5.56 2.21 -33.38
N LYS B 92 -6.21 3.24 -33.89
CA LYS B 92 -5.51 4.35 -34.53
C LYS B 92 -5.40 5.49 -33.52
N VAL B 93 -4.24 6.12 -33.47
CA VAL B 93 -4.02 7.23 -32.56
C VAL B 93 -4.66 8.53 -33.07
N VAL B 94 -5.84 8.86 -32.61
CA VAL B 94 -6.49 10.10 -33.03
C VAL B 94 -5.65 11.35 -32.71
N GLY B 95 -5.01 11.36 -31.54
CA GLY B 95 -4.23 12.53 -31.13
C GLY B 95 -3.91 12.54 -29.63
N PHE B 96 -3.18 13.54 -29.17
CA PHE B 96 -2.82 13.57 -27.78
C PHE B 96 -2.19 14.85 -27.22
N ASP B 97 -2.36 15.05 -25.91
CA ASP B 97 -1.83 16.21 -25.20
C ASP B 97 -0.82 15.76 -24.17
N GLN B 98 0.47 15.97 -24.41
CA GLN B 98 1.50 15.52 -23.47
C GLN B 98 1.49 16.22 -22.13
N ASP B 99 1.08 17.47 -22.12
CA ASP B 99 1.08 18.20 -20.88
C ASP B 99 0.11 17.67 -19.86
N LYS B 100 -1.08 17.32 -20.29
CA LYS B 100 -2.08 16.80 -19.37
C LYS B 100 -2.17 15.28 -19.48
N ASP B 101 -1.16 14.67 -20.08
CA ASP B 101 -1.08 13.21 -20.27
C ASP B 101 -2.38 12.52 -20.69
N VAL B 102 -3.11 13.16 -21.60
CA VAL B 102 -4.37 12.64 -22.15
C VAL B 102 -4.19 12.22 -23.61
N ALA B 103 -4.77 11.09 -23.99
CA ALA B 103 -4.64 10.64 -25.37
C ALA B 103 -5.94 10.07 -25.90
N VAL B 104 -6.21 10.24 -27.19
CA VAL B 104 -7.43 9.66 -27.74
C VAL B 104 -7.15 8.65 -28.84
N LEU B 105 -7.88 7.54 -28.80
CA LEU B 105 -7.72 6.49 -29.76
C LEU B 105 -9.03 6.28 -30.49
N ARG B 106 -8.97 5.58 -31.61
CA ARG B 106 -10.16 5.27 -32.37
C ARG B 106 -10.03 3.84 -32.83
N ILE B 107 -11.16 3.13 -32.78
CA ILE B 107 -11.21 1.76 -33.22
C ILE B 107 -12.46 1.58 -34.06
N ASP B 108 -12.41 0.58 -34.93
CA ASP B 108 -13.49 0.22 -35.85
C ASP B 108 -14.31 -0.85 -35.16
N ALA B 109 -15.33 -0.46 -34.40
CA ALA B 109 -16.12 -1.47 -33.69
C ALA B 109 -17.62 -1.22 -33.78
N PRO B 110 -18.41 -2.31 -33.73
CA PRO B 110 -19.88 -2.23 -33.81
C PRO B 110 -20.51 -1.43 -32.65
N LYS B 111 -21.12 -0.30 -32.99
CA LYS B 111 -21.75 0.59 -32.01
C LYS B 111 -22.48 -0.10 -30.85
N ASN B 112 -22.86 -1.35 -31.03
CA ASN B 112 -23.59 -2.09 -30.00
C ASN B 112 -22.70 -2.55 -28.85
N LYS B 113 -21.42 -2.74 -29.14
CA LYS B 113 -20.45 -3.18 -28.14
C LYS B 113 -19.66 -2.00 -27.58
N LEU B 114 -20.30 -0.82 -27.58
CA LEU B 114 -19.68 0.41 -27.11
C LEU B 114 -20.55 1.25 -26.17
N ARG B 115 -20.17 1.27 -24.90
CA ARG B 115 -20.89 2.07 -23.91
C ARG B 115 -20.01 3.25 -23.56
N PRO B 116 -20.45 4.47 -23.88
CA PRO B 116 -19.57 5.58 -23.50
C PRO B 116 -19.84 5.90 -22.02
N ILE B 117 -18.80 6.03 -21.19
CA ILE B 117 -19.05 6.30 -19.77
C ILE B 117 -19.75 7.61 -19.63
N PRO B 118 -20.65 7.69 -18.65
CA PRO B 118 -21.39 8.92 -18.40
C PRO B 118 -20.37 9.92 -17.91
N VAL B 119 -20.32 11.09 -18.52
CA VAL B 119 -19.35 12.10 -18.12
C VAL B 119 -19.84 12.93 -16.95
N GLY B 120 -19.08 12.98 -15.86
CA GLY B 120 -19.52 13.78 -14.73
C GLY B 120 -18.88 15.15 -14.64
N VAL B 121 -18.94 15.74 -13.46
CA VAL B 121 -18.36 17.07 -13.27
C VAL B 121 -17.34 17.07 -12.15
N SER B 122 -16.12 17.50 -12.44
CA SER B 122 -15.12 17.51 -11.42
C SER B 122 -15.07 18.80 -10.63
N ALA B 123 -15.67 19.85 -11.14
CA ALA B 123 -15.62 21.13 -10.42
C ALA B 123 -16.29 21.12 -9.05
N ASP B 124 -17.30 20.29 -8.84
CA ASP B 124 -17.99 20.25 -7.54
C ASP B 124 -17.54 19.19 -6.53
N LEU B 125 -16.46 18.49 -6.82
CA LEU B 125 -16.01 17.45 -5.94
C LEU B 125 -15.68 17.95 -4.51
N LEU B 126 -15.91 17.08 -3.54
CA LEU B 126 -15.64 17.38 -2.12
C LEU B 126 -14.80 16.26 -1.49
N VAL B 127 -13.73 16.64 -0.78
CA VAL B 127 -12.91 15.63 -0.10
C VAL B 127 -13.82 14.78 0.78
N GLY B 128 -13.65 13.46 0.71
CA GLY B 128 -14.49 12.59 1.52
C GLY B 128 -15.53 11.82 0.72
N GLN B 129 -15.95 12.30 -0.46
CA GLN B 129 -16.96 11.51 -1.17
C GLN B 129 -16.32 10.25 -1.74
N LYS B 130 -17.10 9.18 -1.90
CA LYS B 130 -16.54 7.92 -2.42
C LYS B 130 -16.15 7.88 -3.90
N VAL B 131 -15.10 7.11 -4.22
CA VAL B 131 -14.71 6.94 -5.60
C VAL B 131 -14.49 5.47 -5.93
N PHE B 132 -14.56 5.18 -7.23
CA PHE B 132 -14.42 3.83 -7.72
C PHE B 132 -13.43 3.83 -8.88
N ALA B 133 -12.37 3.03 -8.75
CA ALA B 133 -11.39 2.99 -9.82
C ALA B 133 -11.48 1.65 -10.51
N ILE B 134 -11.52 1.66 -11.84
CA ILE B 134 -11.56 0.43 -12.58
C ILE B 134 -10.41 0.54 -13.55
N GLY B 135 -9.60 -0.52 -13.62
CA GLY B 135 -8.45 -0.55 -14.51
C GLY B 135 -7.90 -1.95 -14.62
N ASN B 136 -6.61 -2.07 -14.97
CA ASN B 136 -5.94 -3.37 -15.14
C ASN B 136 -4.55 -3.42 -14.51
N PRO B 137 -4.46 -3.29 -13.18
CA PRO B 137 -3.15 -3.34 -12.55
C PRO B 137 -2.58 -4.74 -12.66
N PHE B 138 -1.28 -4.85 -12.92
CA PHE B 138 -0.69 -6.18 -13.01
C PHE B 138 -1.43 -7.11 -13.96
N GLY B 139 -2.13 -6.55 -14.95
CA GLY B 139 -2.86 -7.35 -15.91
C GLY B 139 -4.17 -7.95 -15.43
N LEU B 140 -4.59 -7.64 -14.21
CA LEU B 140 -5.85 -8.17 -13.68
C LEU B 140 -6.97 -7.33 -14.31
N ASP B 141 -7.58 -7.90 -15.33
CA ASP B 141 -8.64 -7.28 -16.14
C ASP B 141 -9.83 -6.65 -15.41
N HIS B 142 -10.03 -5.34 -15.59
CA HIS B 142 -11.19 -4.66 -15.00
C HIS B 142 -11.29 -4.76 -13.48
N THR B 143 -10.18 -4.52 -12.82
CA THR B 143 -10.13 -4.57 -11.38
C THR B 143 -10.83 -3.34 -10.79
N LEU B 144 -11.63 -3.59 -9.76
CA LEU B 144 -12.29 -2.50 -9.08
C LEU B 144 -11.61 -2.24 -7.73
N THR B 145 -11.34 -0.98 -7.44
CA THR B 145 -10.80 -0.64 -6.12
C THR B 145 -11.56 0.59 -5.71
N THR B 146 -11.89 0.68 -4.44
CA THR B 146 -12.63 1.84 -3.98
C THR B 146 -11.85 2.55 -2.91
N GLY B 147 -12.23 3.81 -2.72
CA GLY B 147 -11.60 4.68 -1.76
C GLY B 147 -12.37 5.97 -1.67
N VAL B 148 -11.66 7.03 -1.33
CA VAL B 148 -12.29 8.31 -1.12
C VAL B 148 -11.49 9.42 -1.84
N ILE B 149 -12.11 10.57 -2.08
CA ILE B 149 -11.34 11.67 -2.65
C ILE B 149 -10.54 12.15 -1.44
N SER B 150 -9.21 12.12 -1.53
CA SER B 150 -8.35 12.53 -0.42
C SER B 150 -7.98 13.98 -0.49
N GLY B 151 -8.03 14.51 -1.71
CA GLY B 151 -7.65 15.88 -1.94
C GLY B 151 -8.07 16.38 -3.30
N LEU B 152 -8.12 17.70 -3.41
CA LEU B 152 -8.50 18.36 -4.63
C LEU B 152 -7.53 19.47 -4.98
N ARG B 153 -7.53 19.89 -6.24
CA ARG B 153 -6.66 20.98 -6.67
C ARG B 153 -5.17 20.78 -6.37
N ARG B 154 -4.69 19.54 -6.52
CA ARG B 154 -3.28 19.24 -6.27
C ARG B 154 -2.50 19.50 -7.55
N GLU B 155 -1.21 19.78 -7.40
CA GLU B 155 -0.31 19.97 -8.54
C GLU B 155 0.73 18.87 -8.47
N ILE B 156 0.92 18.13 -9.56
CA ILE B 156 1.91 17.05 -9.61
C ILE B 156 2.80 17.17 -10.87
N SER B 157 4.07 16.79 -10.72
CA SER B 157 5.03 16.82 -11.84
C SER B 157 4.67 15.75 -12.89
N SER B 158 4.42 16.20 -14.13
CA SER B 158 4.00 15.33 -15.28
C SER B 158 4.92 14.17 -15.69
N ALA B 159 6.23 14.35 -15.53
CA ALA B 159 7.25 13.35 -15.89
C ALA B 159 7.08 12.91 -17.36
N ALA B 160 5.88 13.11 -17.89
CA ALA B 160 5.57 12.80 -19.28
C ALA B 160 6.22 13.93 -20.09
N THR B 161 6.62 14.98 -19.37
CA THR B 161 7.26 16.15 -19.95
C THR B 161 7.96 16.96 -18.86
N GLY B 162 7.56 16.71 -17.62
CA GLY B 162 8.16 17.42 -16.50
C GLY B 162 7.28 18.59 -16.12
N ARG B 163 6.55 19.10 -17.11
CA ARG B 163 5.65 20.22 -16.89
C ARG B 163 4.63 19.81 -15.82
N PRO B 164 4.28 20.73 -14.91
CA PRO B 164 3.31 20.34 -13.87
C PRO B 164 1.87 20.27 -14.40
N ILE B 165 1.09 19.34 -13.84
CA ILE B 165 -0.30 19.21 -14.24
C ILE B 165 -1.08 19.79 -13.07
N GLN B 166 -1.86 20.84 -13.32
CA GLN B 166 -2.63 21.47 -12.28
C GLN B 166 -3.96 20.78 -12.06
N ASP B 167 -4.63 21.17 -10.98
CA ASP B 167 -5.95 20.67 -10.64
C ASP B 167 -6.19 19.18 -10.48
N VAL B 168 -5.15 18.42 -10.14
CA VAL B 168 -5.27 16.97 -9.98
C VAL B 168 -6.07 16.44 -8.79
N ILE B 169 -6.74 15.30 -8.99
CA ILE B 169 -7.51 14.66 -7.91
C ILE B 169 -6.64 13.61 -7.17
N GLN B 170 -6.79 13.53 -5.84
CA GLN B 170 -6.04 12.59 -5.01
C GLN B 170 -7.01 11.60 -4.36
N THR B 171 -6.70 10.30 -4.42
CA THR B 171 -7.58 9.28 -3.88
C THR B 171 -6.77 8.18 -3.21
N ASP B 172 -7.38 7.51 -2.22
CA ASP B 172 -6.69 6.46 -1.52
C ASP B 172 -7.18 5.11 -1.97
N ALA B 173 -7.89 5.12 -3.10
CA ALA B 173 -8.34 3.88 -3.73
C ALA B 173 -7.06 3.30 -4.32
N ALA B 174 -6.83 2.00 -4.10
CA ALA B 174 -5.63 1.34 -4.62
C ALA B 174 -5.41 1.60 -6.12
N ILE B 175 -4.26 2.18 -6.45
CA ILE B 175 -3.92 2.49 -7.82
C ILE B 175 -2.53 1.92 -8.11
N ASN B 176 -2.45 0.89 -8.95
CA ASN B 176 -1.13 0.31 -9.27
C ASN B 176 -0.77 0.37 -10.75
N PRO B 177 0.45 -0.05 -11.12
CA PRO B 177 0.88 -0.04 -12.53
C PRO B 177 -0.12 -0.85 -13.34
N GLY B 178 -0.69 -0.22 -14.36
CA GLY B 178 -1.69 -0.89 -15.16
C GLY B 178 -3.04 -0.23 -15.00
N ASN B 179 -3.14 0.71 -14.05
CA ASN B 179 -4.39 1.42 -13.84
C ASN B 179 -4.42 2.67 -14.72
N SER B 180 -3.25 3.19 -15.12
CA SER B 180 -3.22 4.40 -15.94
C SER B 180 -4.20 4.28 -17.13
N GLY B 181 -4.91 5.39 -17.37
CA GLY B 181 -5.88 5.41 -18.45
C GLY B 181 -7.28 4.99 -18.08
N GLY B 182 -7.45 4.28 -16.96
CA GLY B 182 -8.78 3.87 -16.56
C GLY B 182 -9.51 4.99 -15.84
N PRO B 183 -10.80 4.80 -15.68
CA PRO B 183 -11.67 5.78 -15.02
C PRO B 183 -11.76 5.82 -13.49
N LEU B 184 -12.02 7.01 -12.98
CA LEU B 184 -12.31 7.17 -11.57
C LEU B 184 -13.78 7.63 -11.61
N LEU B 185 -14.67 6.91 -10.97
CA LEU B 185 -16.04 7.32 -10.97
C LEU B 185 -16.47 7.79 -9.55
N ASP B 186 -17.53 8.61 -9.49
CA ASP B 186 -18.06 9.12 -8.22
C ASP B 186 -19.27 8.24 -7.87
N SER B 187 -19.94 8.50 -6.74
CA SER B 187 -21.07 7.63 -6.39
C SER B 187 -22.21 7.58 -7.41
N SER B 188 -22.29 8.58 -8.27
CA SER B 188 -23.33 8.61 -9.27
C SER B 188 -23.01 7.74 -10.48
N GLY B 189 -21.88 7.04 -10.46
CA GLY B 189 -21.52 6.19 -11.58
C GLY B 189 -21.16 7.07 -12.74
N THR B 190 -20.38 8.09 -12.42
CA THR B 190 -19.96 9.09 -13.36
C THR B 190 -18.48 9.32 -13.39
N LEU B 191 -17.95 9.62 -14.57
CA LEU B 191 -16.52 9.82 -14.75
C LEU B 191 -16.04 11.11 -14.17
N ILE B 192 -15.12 11.06 -13.20
CA ILE B 192 -14.64 12.31 -12.62
C ILE B 192 -13.19 12.54 -12.87
N GLY B 193 -12.50 11.52 -13.33
CA GLY B 193 -11.08 11.70 -13.63
C GLY B 193 -10.50 10.48 -14.30
N ILE B 194 -9.24 10.59 -14.75
CA ILE B 194 -8.51 9.49 -15.39
C ILE B 194 -7.38 9.14 -14.41
N ASN B 195 -7.31 7.89 -13.97
CA ASN B 195 -6.25 7.50 -13.03
C ASN B 195 -4.96 7.55 -13.79
N THR B 196 -3.98 8.31 -13.32
CA THR B 196 -2.77 8.37 -14.09
C THR B 196 -1.43 8.21 -13.41
N ALA B 197 -1.36 8.43 -12.10
CA ALA B 197 -0.09 8.28 -11.38
C ALA B 197 -0.25 8.16 -9.86
N ILE B 198 0.87 7.84 -9.20
CA ILE B 198 0.87 7.70 -7.76
C ILE B 198 2.19 8.20 -7.14
N TYR B 199 2.19 8.36 -5.83
CA TYR B 199 3.39 8.72 -5.08
C TYR B 199 3.66 7.45 -4.29
N SER B 200 4.82 6.83 -4.48
CA SER B 200 5.15 5.59 -3.79
C SER B 200 6.63 5.21 -3.93
N PRO B 201 7.33 5.09 -2.80
CA PRO B 201 8.75 4.72 -2.88
C PRO B 201 8.95 3.31 -3.40
N SER B 202 7.88 2.52 -3.48
CA SER B 202 8.02 1.15 -3.95
C SER B 202 7.54 0.90 -5.37
N GLY B 203 6.64 1.76 -5.86
CA GLY B 203 6.11 1.54 -7.19
C GLY B 203 4.82 0.77 -7.03
N ALA B 204 4.48 0.48 -5.79
CA ALA B 204 3.27 -0.23 -5.50
C ALA B 204 2.34 0.82 -4.90
N SER B 205 1.03 0.57 -4.93
CA SER B 205 0.10 1.51 -4.36
C SER B 205 0.42 1.74 -2.87
N SER B 206 0.49 3.00 -2.48
CA SER B 206 0.79 3.35 -1.13
C SER B 206 -0.37 4.24 -0.60
N GLY B 207 -1.51 4.17 -1.28
CA GLY B 207 -2.63 4.98 -0.84
C GLY B 207 -2.67 6.44 -1.25
N VAL B 208 -1.75 6.89 -2.11
CA VAL B 208 -1.77 8.26 -2.58
C VAL B 208 -1.77 8.20 -4.11
N GLY B 209 -2.96 8.29 -4.72
CA GLY B 209 -3.05 8.24 -6.18
C GLY B 209 -3.68 9.47 -6.80
N PHE B 210 -3.34 9.75 -8.04
CA PHE B 210 -3.85 10.92 -8.74
C PHE B 210 -4.63 10.68 -10.04
N SER B 211 -5.65 11.50 -10.27
CA SER B 211 -6.45 11.40 -11.49
C SER B 211 -6.54 12.78 -12.13
N ILE B 212 -6.45 12.84 -13.45
CA ILE B 212 -6.57 14.12 -14.15
C ILE B 212 -8.08 14.34 -14.07
N PRO B 213 -8.52 15.54 -13.63
CA PRO B 213 -9.95 15.80 -13.51
C PRO B 213 -10.69 15.82 -14.84
N VAL B 214 -11.86 15.21 -14.84
CA VAL B 214 -12.71 15.11 -15.99
C VAL B 214 -12.93 16.42 -16.75
N ASP B 215 -13.13 17.51 -16.03
CA ASP B 215 -13.36 18.77 -16.69
C ASP B 215 -12.24 19.14 -17.67
N THR B 216 -10.99 19.00 -17.25
CA THR B 216 -9.97 19.36 -18.19
C THR B 216 -9.86 18.26 -19.26
N VAL B 217 -10.31 17.06 -18.95
CA VAL B 217 -10.25 15.97 -19.90
C VAL B 217 -11.20 16.19 -21.08
N GLY B 218 -12.46 16.45 -20.76
CA GLY B 218 -13.46 16.65 -21.78
C GLY B 218 -13.08 17.68 -22.84
N GLY B 219 -12.48 18.80 -22.42
CA GLY B 219 -12.09 19.82 -23.37
C GLY B 219 -11.07 19.27 -24.35
N ILE B 220 -10.02 18.65 -23.79
CA ILE B 220 -8.93 18.06 -24.56
C ILE B 220 -9.42 16.97 -25.52
N VAL B 221 -10.33 16.12 -25.08
CA VAL B 221 -10.83 15.11 -25.99
C VAL B 221 -11.58 15.78 -27.17
N ASP B 222 -12.32 16.86 -26.92
CA ASP B 222 -13.03 17.54 -28.00
C ASP B 222 -12.01 18.01 -29.02
N GLN B 223 -11.10 18.86 -28.57
CA GLN B 223 -10.07 19.39 -29.45
C GLN B 223 -9.29 18.32 -30.16
N LEU B 224 -9.07 17.21 -29.50
CA LEU B 224 -8.32 16.15 -30.13
C LEU B 224 -9.10 15.45 -31.25
N VAL B 225 -10.42 15.32 -31.09
CA VAL B 225 -11.22 14.65 -32.11
C VAL B 225 -11.48 15.57 -33.30
N ARG B 226 -11.52 16.88 -33.05
CA ARG B 226 -11.75 17.85 -34.09
C ARG B 226 -10.52 18.18 -34.93
N PHE B 227 -9.43 18.44 -34.26
CA PHE B 227 -8.20 18.83 -34.93
C PHE B 227 -7.01 17.90 -34.72
N GLY B 228 -7.17 16.94 -33.82
CA GLY B 228 -6.12 15.97 -33.54
C GLY B 228 -4.88 16.56 -32.91
N LYS B 229 -5.04 17.69 -32.26
CA LYS B 229 -3.93 18.37 -31.61
C LYS B 229 -4.55 19.38 -30.68
N VAL B 230 -3.79 19.86 -29.72
CA VAL B 230 -4.28 20.87 -28.81
C VAL B 230 -3.29 21.99 -28.96
N THR B 231 -3.76 23.22 -29.09
CA THR B 231 -2.80 24.29 -29.28
C THR B 231 -2.64 25.09 -28.01
N ARG B 232 -1.40 25.07 -27.52
CA ARG B 232 -1.05 25.74 -26.27
C ARG B 232 -0.06 26.86 -26.47
N PRO B 233 -0.28 27.97 -25.76
CA PRO B 233 0.56 29.17 -25.81
C PRO B 233 1.95 29.03 -25.18
N ILE B 234 2.90 29.82 -25.65
CA ILE B 234 4.23 29.82 -25.07
C ILE B 234 4.78 31.20 -25.01
N LEU B 235 5.68 31.44 -24.06
CA LEU B 235 6.33 32.73 -23.86
C LEU B 235 7.59 32.70 -24.68
N GLY B 236 8.05 31.49 -24.94
CA GLY B 236 9.25 31.33 -25.71
C GLY B 236 10.51 31.50 -24.88
N ILE B 237 10.52 30.98 -23.65
CA ILE B 237 11.74 31.06 -22.83
C ILE B 237 12.09 29.73 -22.16
N LYS B 238 13.40 29.48 -22.04
CA LYS B 238 13.91 28.29 -21.34
C LYS B 238 14.43 28.88 -20.04
N PHE B 239 13.90 28.45 -18.91
CA PHE B 239 14.38 28.98 -17.67
C PHE B 239 15.17 27.98 -16.86
N ALA B 240 15.76 28.52 -15.79
CA ALA B 240 16.57 27.74 -14.88
C ALA B 240 15.63 27.08 -13.90
N PRO B 241 15.90 25.81 -13.55
CA PRO B 241 15.06 25.08 -12.59
C PRO B 241 15.24 25.65 -11.18
N ASP B 242 14.19 25.60 -10.37
CA ASP B 242 14.20 26.12 -9.01
C ASP B 242 15.49 25.81 -8.24
N GLN B 243 16.12 24.69 -8.58
CA GLN B 243 17.36 24.23 -7.92
C GLN B 243 18.67 25.00 -8.22
N SER B 244 19.20 24.83 -9.43
CA SER B 244 20.46 25.48 -9.81
C SER B 244 20.35 27.00 -9.86
N VAL B 245 19.39 27.54 -9.13
CA VAL B 245 19.17 28.97 -9.07
C VAL B 245 19.10 29.33 -7.60
N GLU B 246 19.00 28.28 -6.79
CA GLU B 246 18.89 28.38 -5.34
C GLU B 246 19.98 29.21 -4.69
N GLN B 247 21.21 28.97 -5.12
CA GLN B 247 22.36 29.63 -4.55
C GLN B 247 22.63 31.05 -5.02
N LEU B 248 21.62 31.71 -5.60
CA LEU B 248 21.79 33.06 -6.12
C LEU B 248 20.81 34.09 -5.55
N GLY B 249 20.05 33.71 -4.53
CA GLY B 249 19.10 34.63 -3.95
C GLY B 249 18.13 35.18 -4.99
N VAL B 250 17.85 34.34 -5.99
CA VAL B 250 16.94 34.68 -7.09
C VAL B 250 15.48 34.58 -6.64
N SER B 251 14.80 35.72 -6.62
CA SER B 251 13.40 35.75 -6.20
C SER B 251 12.45 34.99 -7.11
N GLY B 252 12.39 35.38 -8.38
CA GLY B 252 11.50 34.71 -9.33
C GLY B 252 12.12 33.68 -10.27
N VAL B 253 11.81 33.78 -11.56
CA VAL B 253 12.33 32.83 -12.56
C VAL B 253 13.40 33.47 -13.43
N LEU B 254 14.57 32.86 -13.48
CA LEU B 254 15.69 33.37 -14.27
C LEU B 254 15.56 32.92 -15.72
N VAL B 255 15.36 33.83 -16.67
CA VAL B 255 15.30 33.32 -18.03
C VAL B 255 16.72 33.07 -18.48
N LEU B 256 16.97 31.87 -18.97
CA LEU B 256 18.28 31.50 -19.44
C LEU B 256 18.36 31.86 -20.91
N ASP B 257 17.27 31.62 -21.65
CA ASP B 257 17.26 31.93 -23.08
C ASP B 257 15.89 32.34 -23.61
N ALA B 258 15.90 33.35 -24.48
CA ALA B 258 14.69 33.85 -25.12
C ALA B 258 15.09 33.99 -26.56
N PRO B 259 14.91 32.91 -27.35
CA PRO B 259 15.23 32.84 -28.78
C PRO B 259 14.58 34.02 -29.49
N PRO B 260 15.35 34.69 -30.36
CA PRO B 260 14.86 35.87 -31.10
C PRO B 260 13.61 35.58 -31.93
N SER B 261 13.39 34.31 -32.22
CA SER B 261 12.25 33.87 -33.00
C SER B 261 10.97 33.55 -32.21
N GLY B 262 10.98 33.79 -30.90
CA GLY B 262 9.81 33.50 -30.07
C GLY B 262 9.15 34.74 -29.47
N PRO B 263 8.04 34.61 -28.73
CA PRO B 263 7.36 35.77 -28.14
C PRO B 263 8.18 36.70 -27.27
N ALA B 264 8.78 36.18 -26.20
CA ALA B 264 9.61 37.03 -25.32
C ALA B 264 10.85 37.51 -26.08
N GLY B 265 11.24 36.73 -27.08
CA GLY B 265 12.39 37.14 -27.88
C GLY B 265 12.04 38.41 -28.66
N LYS B 266 10.99 38.34 -29.48
CA LYS B 266 10.55 39.47 -30.28
C LYS B 266 10.18 40.62 -29.37
N ALA B 267 9.78 40.32 -28.14
CA ALA B 267 9.42 41.34 -27.18
C ALA B 267 10.65 41.86 -26.47
N GLY B 268 11.82 41.32 -26.83
CA GLY B 268 13.08 41.75 -26.24
C GLY B 268 13.53 41.39 -24.80
N LEU B 269 13.13 40.22 -24.29
CA LEU B 269 13.58 39.80 -22.96
C LEU B 269 15.03 39.34 -23.13
N GLN B 270 15.87 39.60 -22.12
CA GLN B 270 17.28 39.22 -22.22
C GLN B 270 17.63 37.89 -21.61
N SER B 271 18.52 37.19 -22.30
CA SER B 271 19.01 35.88 -21.88
C SER B 271 20.25 36.01 -20.99
N THR B 272 20.64 34.91 -20.36
CA THR B 272 21.82 34.92 -19.50
C THR B 272 23.05 34.71 -20.38
N LYS B 273 24.09 35.54 -20.18
CA LYS B 273 25.33 35.45 -20.98
C LYS B 273 26.58 35.35 -20.11
N ARG B 274 27.77 35.48 -20.73
CA ARG B 274 29.02 35.37 -19.98
C ARG B 274 30.10 36.46 -20.13
N ASP B 275 30.31 37.12 -18.99
CA ASP B 275 31.27 38.20 -18.73
C ASP B 275 32.41 38.51 -19.69
N GLY B 276 32.89 37.53 -20.44
CA GLY B 276 34.01 37.82 -21.30
C GLY B 276 35.24 37.35 -20.53
N TYR B 277 35.08 37.23 -19.21
CA TYR B 277 36.11 36.71 -18.29
C TYR B 277 35.53 35.36 -17.87
N GLY B 278 34.29 35.13 -18.29
CA GLY B 278 33.60 33.89 -17.98
C GLY B 278 32.49 33.99 -16.95
N ARG B 279 32.38 35.13 -16.28
CA ARG B 279 31.35 35.28 -15.26
C ARG B 279 29.94 35.26 -15.83
N LEU B 280 28.97 35.09 -14.96
CA LEU B 280 27.60 35.03 -15.40
C LEU B 280 26.85 36.34 -15.39
N VAL B 281 26.34 36.73 -16.56
CA VAL B 281 25.53 37.94 -16.65
C VAL B 281 24.08 37.46 -16.74
N LEU B 282 23.41 37.51 -15.59
CA LEU B 282 22.04 37.07 -15.50
C LEU B 282 21.10 37.70 -16.50
N GLY B 283 20.28 36.86 -17.13
CA GLY B 283 19.31 37.38 -18.07
C GLY B 283 18.22 37.94 -17.19
N ASP B 284 17.09 38.30 -17.79
CA ASP B 284 15.99 38.85 -17.00
C ASP B 284 15.46 37.86 -15.97
N ILE B 285 14.83 38.38 -14.93
CA ILE B 285 14.25 37.52 -13.91
C ILE B 285 12.77 37.87 -13.83
N ILE B 286 11.92 36.90 -14.11
CA ILE B 286 10.49 37.14 -14.08
C ILE B 286 10.02 37.07 -12.65
N THR B 287 9.43 38.16 -12.18
CA THR B 287 8.96 38.28 -10.80
C THR B 287 7.44 38.32 -10.78
N SER B 288 6.85 38.62 -11.93
CA SER B 288 5.41 38.68 -12.05
C SER B 288 5.00 38.63 -13.51
N VAL B 289 3.80 38.13 -13.74
CA VAL B 289 3.24 38.04 -15.08
C VAL B 289 1.84 38.61 -14.90
N ASN B 290 1.51 39.61 -15.71
CA ASN B 290 0.24 40.32 -15.62
C ASN B 290 -0.63 40.03 -14.39
N GLY B 291 -0.33 40.73 -13.30
CA GLY B 291 -1.10 40.56 -12.08
C GLY B 291 -0.47 39.60 -11.10
N THR B 292 -0.60 38.31 -11.40
CA THR B 292 -0.06 37.28 -10.54
C THR B 292 1.46 37.30 -10.43
N LYS B 293 1.95 37.12 -9.22
CA LYS B 293 3.37 37.11 -8.94
C LYS B 293 3.96 35.74 -9.25
N VAL B 294 5.23 35.75 -9.63
CA VAL B 294 5.92 34.52 -9.97
C VAL B 294 7.14 34.41 -9.07
N SER B 295 7.23 33.35 -8.28
CA SER B 295 8.38 33.15 -7.39
C SER B 295 9.24 31.97 -7.80
N ASN B 296 8.70 31.12 -8.68
CA ASN B 296 9.40 29.92 -9.14
C ASN B 296 8.73 29.36 -10.40
N GLY B 297 9.21 28.20 -10.84
CA GLY B 297 8.66 27.56 -12.03
C GLY B 297 7.17 27.31 -11.95
N SER B 298 6.74 26.58 -10.93
CA SER B 298 5.32 26.26 -10.76
C SER B 298 4.41 27.47 -10.92
N ASP B 299 4.81 28.59 -10.33
CA ASP B 299 4.02 29.80 -10.41
C ASP B 299 3.86 30.26 -11.86
N LEU B 300 4.97 30.25 -12.61
CA LEU B 300 4.93 30.67 -14.00
C LEU B 300 4.02 29.73 -14.77
N TYR B 301 4.34 28.45 -14.72
CA TYR B 301 3.56 27.43 -15.41
C TYR B 301 2.10 27.60 -15.14
N ARG B 302 1.77 27.59 -13.87
CA ARG B 302 0.40 27.69 -13.41
C ARG B 302 -0.29 28.89 -14.03
N ILE B 303 0.38 30.04 -13.99
CA ILE B 303 -0.21 31.24 -14.53
C ILE B 303 -0.43 31.20 -16.05
N LEU B 304 0.54 30.72 -16.82
CA LEU B 304 0.36 30.64 -18.27
C LEU B 304 -0.68 29.60 -18.62
N ASP B 305 -0.89 28.65 -17.72
CA ASP B 305 -1.86 27.59 -17.94
C ASP B 305 -3.24 28.21 -18.15
N GLN B 306 -3.38 29.47 -17.77
CA GLN B 306 -4.64 30.17 -17.88
C GLN B 306 -4.74 31.00 -19.13
N CYS B 307 -3.66 31.11 -19.88
CA CYS B 307 -3.70 31.92 -21.07
C CYS B 307 -4.00 31.11 -22.31
N LYS B 308 -4.34 31.83 -23.37
CA LYS B 308 -4.65 31.22 -24.65
C LYS B 308 -3.80 31.85 -25.75
N VAL B 309 -3.52 31.10 -26.80
CA VAL B 309 -2.70 31.64 -27.89
C VAL B 309 -3.18 33.01 -28.28
N GLY B 310 -2.25 33.94 -28.45
CA GLY B 310 -2.65 35.29 -28.83
C GLY B 310 -2.78 36.30 -27.70
N ASP B 311 -2.99 35.85 -26.47
CA ASP B 311 -3.12 36.79 -25.34
C ASP B 311 -1.89 37.69 -25.20
N GLU B 312 -2.11 38.96 -24.95
CA GLU B 312 -0.97 39.84 -24.77
C GLU B 312 -0.72 39.95 -23.27
N VAL B 313 0.20 39.13 -22.79
CA VAL B 313 0.53 39.11 -21.39
C VAL B 313 1.61 40.13 -21.03
N THR B 314 1.38 40.82 -19.91
CA THR B 314 2.34 41.83 -19.46
C THR B 314 3.21 41.20 -18.36
N VAL B 315 4.49 41.06 -18.67
CA VAL B 315 5.42 40.45 -17.73
C VAL B 315 6.44 41.43 -17.15
N GLU B 316 6.64 41.31 -15.86
CA GLU B 316 7.57 42.15 -15.13
C GLU B 316 8.87 41.39 -14.86
N VAL B 317 10.00 41.99 -15.21
CA VAL B 317 11.29 41.35 -15.00
C VAL B 317 12.20 42.19 -14.13
N LEU B 318 13.26 41.57 -13.61
CA LEU B 318 14.26 42.27 -12.82
C LEU B 318 15.47 42.21 -13.72
N ARG B 319 15.71 43.29 -14.43
CA ARG B 319 16.84 43.39 -15.34
C ARG B 319 17.99 43.92 -14.50
N GLY B 320 19.03 44.43 -15.15
CA GLY B 320 20.18 44.93 -14.41
C GLY B 320 19.90 45.86 -13.22
N ASP B 321 19.48 45.27 -12.10
CA ASP B 321 19.20 46.02 -10.86
C ASP B 321 18.03 47.01 -10.83
N HIS B 322 17.23 47.02 -11.88
CA HIS B 322 16.07 47.90 -11.93
C HIS B 322 14.90 47.11 -12.48
N LYS B 323 13.70 47.38 -12.01
CA LYS B 323 12.55 46.64 -12.49
C LYS B 323 12.24 46.93 -13.95
N GLU B 324 11.20 46.28 -14.46
CA GLU B 324 10.75 46.40 -15.85
C GLU B 324 9.32 45.92 -15.98
N LYS B 325 8.81 46.03 -17.19
CA LYS B 325 7.45 45.62 -17.50
C LYS B 325 7.57 45.43 -19.00
N ILE B 326 7.12 44.29 -19.52
CA ILE B 326 7.20 44.03 -20.95
C ILE B 326 5.97 43.28 -21.42
N SER B 327 5.40 43.73 -22.51
CA SER B 327 4.23 43.02 -22.99
C SER B 327 4.67 41.99 -24.02
N VAL B 328 4.21 40.77 -23.81
CA VAL B 328 4.54 39.70 -24.73
C VAL B 328 3.24 39.07 -25.20
N THR B 329 3.12 38.83 -26.49
CA THR B 329 1.93 38.17 -27.01
C THR B 329 2.29 36.71 -27.27
N LEU B 330 1.61 35.83 -26.55
CA LEU B 330 1.88 34.41 -26.65
C LEU B 330 1.54 33.77 -27.99
N GLU B 331 2.49 33.03 -28.54
CA GLU B 331 2.29 32.34 -29.81
C GLU B 331 2.27 30.85 -29.58
N PRO B 332 1.64 30.10 -30.51
CA PRO B 332 1.58 28.65 -30.37
C PRO B 332 2.98 28.05 -30.32
N LYS B 333 3.11 26.94 -29.61
CA LYS B 333 4.38 26.24 -29.48
C LYS B 333 4.66 25.58 -30.83
N PRO B 334 5.89 25.78 -31.39
CA PRO B 334 6.27 25.20 -32.68
C PRO B 334 5.98 23.73 -32.70
N ASP B 335 5.49 23.26 -33.83
CA ASP B 335 5.13 21.87 -34.04
C ASP B 335 6.34 21.04 -34.39
N GLU B 336 6.10 19.77 -34.64
CA GLU B 336 7.14 18.80 -35.01
C GLU B 336 6.56 17.54 -35.66
N SER C 7 -22.91 24.48 -12.95
CA SER C 7 -23.03 23.06 -12.51
C SER C 7 -23.41 22.93 -11.03
N THR C 8 -24.38 22.08 -10.75
CA THR C 8 -24.87 21.86 -9.38
C THR C 8 -24.36 20.48 -8.86
N PRO C 9 -23.85 20.43 -7.61
CA PRO C 9 -23.35 19.18 -7.03
C PRO C 9 -24.39 18.05 -7.05
N LYS C 10 -23.92 16.80 -7.17
CA LYS C 10 -24.80 15.63 -7.20
C LYS C 10 -25.11 15.15 -5.79
N LYS C 11 -26.34 14.69 -5.56
CA LYS C 11 -26.74 14.20 -4.24
C LYS C 11 -25.82 13.07 -3.82
N LEU C 12 -25.19 13.20 -2.64
CA LEU C 12 -24.30 12.15 -2.16
C LEU C 12 -25.06 11.22 -1.22
N GLN C 13 -24.58 9.99 -1.12
CA GLN C 13 -25.18 9.02 -0.22
C GLN C 13 -24.93 9.47 1.22
N THR C 14 -25.76 8.99 2.16
CA THR C 14 -25.64 9.43 3.54
C THR C 14 -24.31 9.06 4.15
N ASP C 15 -23.85 7.86 3.88
CA ASP C 15 -22.57 7.45 4.42
C ASP C 15 -21.46 8.42 3.97
N GLU C 16 -21.26 8.54 2.66
CA GLU C 16 -20.21 9.42 2.17
C GLU C 16 -20.40 10.89 2.56
N LEU C 17 -21.66 11.32 2.63
CA LEU C 17 -21.95 12.70 2.99
C LEU C 17 -21.40 12.98 4.38
N ALA C 18 -21.49 11.99 5.26
CA ALA C 18 -20.99 12.13 6.61
C ALA C 18 -19.49 12.34 6.58
N THR C 19 -18.79 11.48 5.85
CA THR C 19 -17.35 11.65 5.83
C THR C 19 -17.03 13.02 5.28
N VAL C 20 -17.83 13.51 4.34
CA VAL C 20 -17.61 14.87 3.81
C VAL C 20 -17.81 15.92 4.91
N ARG C 21 -18.81 15.77 5.79
CA ARG C 21 -19.01 16.75 6.88
C ARG C 21 -17.86 16.68 7.88
N LEU C 22 -17.55 15.47 8.32
CA LEU C 22 -16.46 15.28 9.27
C LEU C 22 -15.21 16.02 8.79
N PHE C 23 -14.95 15.93 7.49
CA PHE C 23 -13.76 16.61 6.97
C PHE C 23 -13.86 18.12 6.91
N GLN C 24 -15.00 18.66 6.46
CA GLN C 24 -15.17 20.10 6.40
C GLN C 24 -14.98 20.65 7.78
N GLU C 25 -15.65 20.01 8.73
CA GLU C 25 -15.58 20.40 10.14
C GLU C 25 -14.19 20.36 10.79
N ASN C 26 -13.42 19.31 10.55
CA ASN C 26 -12.13 19.23 11.20
C ASN C 26 -10.85 19.65 10.49
N THR C 27 -10.82 19.64 9.15
CA THR C 27 -9.58 20.03 8.51
C THR C 27 -9.03 21.39 9.03
N PRO C 28 -9.92 22.36 9.33
CA PRO C 28 -9.36 23.62 9.81
C PRO C 28 -8.56 23.51 11.10
N SER C 29 -8.82 22.47 11.88
CA SER C 29 -8.06 22.30 13.11
C SER C 29 -6.70 21.67 12.87
N VAL C 30 -6.44 21.24 11.63
CA VAL C 30 -5.17 20.57 11.35
C VAL C 30 -4.15 21.56 10.85
N VAL C 31 -2.90 21.31 11.17
CA VAL C 31 -1.82 22.20 10.79
C VAL C 31 -0.64 21.46 10.16
N TYR C 32 0.23 22.24 9.52
CA TYR C 32 1.42 21.74 8.86
C TYR C 32 2.59 22.24 9.70
N ILE C 33 3.57 21.39 10.00
CA ILE C 33 4.72 21.84 10.80
C ILE C 33 6.07 21.66 10.07
N THR C 34 6.91 22.69 10.14
CA THR C 34 8.22 22.69 9.49
C THR C 34 9.39 22.66 10.46
N ASN C 35 10.27 21.69 10.29
CA ASN C 35 11.44 21.53 11.14
C ASN C 35 12.64 22.17 10.46
N LEU C 36 13.03 23.36 10.91
CA LEU C 36 14.19 24.07 10.36
C LEU C 36 15.43 23.85 11.24
N ALA C 37 16.60 23.79 10.61
CA ALA C 37 17.87 23.62 11.32
C ALA C 37 18.93 24.56 10.75
N VAL C 38 19.84 25.02 11.61
CA VAL C 38 20.90 25.93 11.16
C VAL C 38 21.86 25.26 10.20
N ARG C 39 22.20 25.95 9.12
CA ARG C 39 23.12 25.42 8.12
C ARG C 39 24.06 26.48 7.54
N GLN C 40 25.18 26.01 6.98
CA GLN C 40 26.20 26.85 6.39
C GLN C 40 25.84 27.30 4.98
N ASP C 41 25.82 28.60 4.71
CA ASP C 41 25.52 29.03 3.34
C ASP C 41 26.73 28.61 2.50
N ALA C 42 26.47 27.93 1.39
CA ALA C 42 27.57 27.47 0.57
C ALA C 42 28.54 28.54 0.11
N PHE C 43 28.01 29.63 -0.46
CA PHE C 43 28.84 30.71 -0.98
C PHE C 43 29.28 31.81 -0.06
N THR C 44 28.43 32.22 0.88
CA THR C 44 28.83 33.29 1.78
C THR C 44 29.08 32.75 3.19
N LEU C 45 29.27 31.45 3.26
CA LEU C 45 29.51 30.74 4.51
C LEU C 45 28.83 31.36 5.75
N ASP C 46 27.59 31.82 5.61
CA ASP C 46 26.85 32.38 6.74
C ASP C 46 25.85 31.40 7.34
N VAL C 47 25.20 31.81 8.43
CA VAL C 47 24.24 30.98 9.13
C VAL C 47 22.87 31.07 8.43
N LEU C 48 22.43 29.94 7.90
CA LEU C 48 21.16 29.86 7.17
C LEU C 48 20.13 28.94 7.85
N GLU C 49 18.86 29.29 7.73
CA GLU C 49 17.78 28.47 8.30
C GLU C 49 17.26 27.59 7.17
N VAL C 50 17.23 26.28 7.36
CA VAL C 50 16.76 25.45 6.27
C VAL C 50 16.01 24.18 6.66
N PRO C 51 14.77 24.03 6.14
CA PRO C 51 13.95 22.86 6.43
C PRO C 51 14.70 21.56 6.21
N GLN C 52 14.52 20.62 7.14
CA GLN C 52 15.18 19.32 7.06
C GLN C 52 14.11 18.26 7.20
N GLY C 53 12.87 18.71 7.39
CA GLY C 53 11.76 17.79 7.52
C GLY C 53 10.46 18.48 7.88
N SER C 54 9.34 17.83 7.60
CA SER C 54 8.03 18.40 7.89
C SER C 54 7.07 17.34 8.49
N GLY C 55 5.93 17.81 8.97
CA GLY C 55 5.00 16.86 9.52
C GLY C 55 3.65 17.48 9.77
N SER C 56 2.81 16.77 10.51
CA SER C 56 1.48 17.26 10.83
C SER C 56 1.29 17.56 12.30
N GLY C 57 0.14 18.15 12.59
CA GLY C 57 -0.20 18.48 13.96
C GLY C 57 -1.61 19.02 14.00
N PHE C 58 -2.14 19.22 15.19
CA PHE C 58 -3.45 19.80 15.32
C PHE C 58 -3.50 20.80 16.47
N VAL C 59 -4.50 21.69 16.37
CA VAL C 59 -4.79 22.75 17.32
C VAL C 59 -5.53 22.18 18.55
N TRP C 60 -4.99 22.44 19.73
CA TRP C 60 -5.58 21.91 20.96
C TRP C 60 -6.51 22.85 21.72
N ASP C 61 -6.13 24.11 21.87
CA ASP C 61 -6.96 25.08 22.59
C ASP C 61 -6.90 26.46 21.97
N LYS C 62 -7.74 27.37 22.44
CA LYS C 62 -7.76 28.70 21.86
C LYS C 62 -6.52 29.50 22.25
N GLN C 63 -5.68 28.92 23.10
CA GLN C 63 -4.47 29.59 23.56
C GLN C 63 -3.28 29.38 22.62
N GLY C 64 -3.49 28.63 21.54
CA GLY C 64 -2.43 28.39 20.56
C GLY C 64 -1.53 27.19 20.78
N HIS C 65 -2.06 26.17 21.45
CA HIS C 65 -1.30 24.98 21.73
C HIS C 65 -1.49 23.96 20.61
N ILE C 66 -0.39 23.60 19.97
CA ILE C 66 -0.40 22.66 18.87
C ILE C 66 0.18 21.35 19.35
N VAL C 67 -0.49 20.22 19.06
CA VAL C 67 0.02 18.91 19.44
C VAL C 67 0.58 18.21 18.19
N THR C 68 1.64 17.43 18.38
CA THR C 68 2.25 16.71 17.28
C THR C 68 3.12 15.61 17.85
N ASN C 69 3.79 14.84 17.00
CA ASN C 69 4.68 13.78 17.48
C ASN C 69 5.99 14.48 17.84
N TYR C 70 6.77 13.86 18.72
CA TYR C 70 8.04 14.45 19.09
C TYR C 70 9.07 14.24 17.99
N HIS C 71 9.01 13.10 17.32
CA HIS C 71 10.00 12.85 16.28
C HIS C 71 9.93 13.88 15.17
N VAL C 72 8.80 14.58 15.07
CA VAL C 72 8.64 15.61 14.07
C VAL C 72 9.47 16.88 14.42
N ILE C 73 9.32 17.36 15.66
CA ILE C 73 10.06 18.55 16.08
C ILE C 73 11.48 18.26 16.56
N ARG C 74 11.83 17.00 16.72
CA ARG C 74 13.18 16.63 17.19
C ARG C 74 14.33 17.22 16.40
N GLY C 75 15.40 17.60 17.12
CA GLY C 75 16.58 18.16 16.49
C GLY C 75 16.31 19.47 15.78
N ALA C 76 15.18 20.08 16.07
CA ALA C 76 14.86 21.32 15.40
C ALA C 76 15.56 22.54 15.98
N SER C 77 15.96 23.40 15.08
CA SER C 77 16.62 24.65 15.39
C SER C 77 15.53 25.72 15.49
N ASP C 78 14.48 25.56 14.68
CA ASP C 78 13.35 26.49 14.66
C ASP C 78 12.12 25.82 14.05
N LEU C 79 10.95 26.14 14.58
CA LEU C 79 9.71 25.53 14.10
C LEU C 79 8.68 26.55 13.63
N ARG C 80 8.08 26.26 12.49
CA ARG C 80 7.05 27.12 11.93
C ARG C 80 5.80 26.26 11.76
N VAL C 81 4.64 26.70 12.24
CA VAL C 81 3.46 25.90 11.96
C VAL C 81 2.61 26.76 11.01
N THR C 82 2.07 26.11 9.99
CA THR C 82 1.24 26.76 8.97
C THR C 82 -0.21 26.32 9.19
N LEU C 83 -1.09 27.31 9.36
CA LEU C 83 -2.50 27.02 9.56
C LEU C 83 -3.18 26.75 8.22
N ALA C 84 -4.36 26.15 8.29
CA ALA C 84 -5.13 25.77 7.12
C ALA C 84 -5.22 26.88 6.11
N ASP C 85 -5.37 28.10 6.60
CA ASP C 85 -5.48 29.28 5.74
C ASP C 85 -4.10 29.74 5.28
N GLN C 86 -3.13 28.85 5.31
CA GLN C 86 -1.78 29.19 4.87
C GLN C 86 -0.97 30.29 5.60
N THR C 87 -1.50 30.86 6.67
CA THR C 87 -0.70 31.84 7.44
C THR C 87 0.28 31.03 8.32
N THR C 88 1.51 31.49 8.49
CA THR C 88 2.45 30.72 9.28
C THR C 88 2.98 31.45 10.52
N PHE C 89 3.11 30.72 11.62
CA PHE C 89 3.58 31.32 12.86
C PHE C 89 4.80 30.60 13.41
N ASP C 90 5.58 31.30 14.22
CA ASP C 90 6.74 30.69 14.82
C ASP C 90 6.21 29.89 16.01
N ALA C 91 6.75 28.68 16.23
CA ALA C 91 6.28 27.84 17.32
C ALA C 91 7.31 27.63 18.40
N LYS C 92 6.89 27.76 19.66
CA LYS C 92 7.80 27.53 20.78
C LYS C 92 7.48 26.16 21.37
N VAL C 93 8.50 25.44 21.82
CA VAL C 93 8.29 24.12 22.39
C VAL C 93 7.79 24.25 23.82
N VAL C 94 6.55 23.86 24.08
CA VAL C 94 6.02 23.93 25.43
C VAL C 94 6.69 22.82 26.21
N GLY C 95 6.76 21.64 25.61
CA GLY C 95 7.41 20.49 26.24
C GLY C 95 7.10 19.21 25.47
N PHE C 96 7.67 18.09 25.88
CA PHE C 96 7.41 16.83 25.17
C PHE C 96 7.70 15.58 25.96
N ASP C 97 7.17 14.45 25.50
CA ASP C 97 7.42 13.17 26.17
C ASP C 97 8.03 12.17 25.17
N GLN C 98 9.36 12.15 25.08
CA GLN C 98 10.06 11.28 24.13
C GLN C 98 9.61 9.84 24.10
N ASP C 99 9.12 9.33 25.22
CA ASP C 99 8.72 7.94 25.29
C ASP C 99 7.42 7.60 24.63
N LYS C 100 6.49 8.54 24.69
CA LYS C 100 5.20 8.34 24.08
C LYS C 100 5.17 9.19 22.78
N ASP C 101 6.34 9.66 22.36
CA ASP C 101 6.49 10.45 21.14
C ASP C 101 5.40 11.52 20.93
N VAL C 102 5.21 12.34 21.95
CA VAL C 102 4.20 13.38 21.92
C VAL C 102 4.85 14.70 22.27
N ALA C 103 4.42 15.78 21.64
CA ALA C 103 5.01 17.09 21.91
C ALA C 103 3.98 18.20 21.76
N VAL C 104 4.10 19.22 22.61
CA VAL C 104 3.20 20.36 22.54
C VAL C 104 3.99 21.61 22.14
N LEU C 105 3.39 22.42 21.26
CA LEU C 105 3.99 23.65 20.77
C LEU C 105 3.03 24.81 21.06
N ARG C 106 3.56 26.03 21.13
CA ARG C 106 2.72 27.20 21.35
C ARG C 106 2.92 28.21 20.22
N ILE C 107 1.79 28.70 19.74
CA ILE C 107 1.67 29.63 18.62
C ILE C 107 0.95 30.90 19.08
N ASP C 108 1.45 32.04 18.61
CA ASP C 108 0.87 33.32 18.94
C ASP C 108 0.03 33.78 17.76
N ALA C 109 -1.14 33.15 17.60
CA ALA C 109 -2.04 33.44 16.51
C ALA C 109 -3.39 33.87 17.02
N PRO C 110 -4.17 34.58 16.20
CA PRO C 110 -5.50 35.06 16.55
C PRO C 110 -6.48 33.98 16.99
N LYS C 111 -7.13 34.21 18.12
CA LYS C 111 -8.07 33.24 18.66
C LYS C 111 -9.20 32.79 17.74
N ASN C 112 -9.39 33.46 16.61
CA ASN C 112 -10.46 33.07 15.71
C ASN C 112 -9.90 32.10 14.65
N LYS C 113 -8.59 32.14 14.45
CA LYS C 113 -7.95 31.26 13.50
C LYS C 113 -7.64 29.92 14.22
N LEU C 114 -8.16 29.73 15.43
CA LEU C 114 -7.88 28.53 16.20
C LEU C 114 -9.10 27.72 16.62
N ARG C 115 -9.28 26.55 16.01
CA ARG C 115 -10.39 25.66 16.32
C ARG C 115 -9.91 24.43 17.05
N PRO C 116 -10.06 24.40 18.38
CA PRO C 116 -9.61 23.21 19.11
C PRO C 116 -10.30 21.97 18.57
N ILE C 117 -9.58 20.86 18.53
CA ILE C 117 -10.13 19.62 18.01
C ILE C 117 -10.97 18.89 19.07
N PRO C 118 -12.15 18.37 18.69
CA PRO C 118 -12.98 17.67 19.67
C PRO C 118 -12.20 16.50 20.27
N VAL C 119 -12.19 16.38 21.60
CA VAL C 119 -11.46 15.32 22.26
C VAL C 119 -12.32 14.09 22.50
N GLY C 120 -11.87 12.94 22.01
CA GLY C 120 -12.62 11.72 22.17
C GLY C 120 -12.08 10.79 23.24
N VAL C 121 -12.52 9.55 23.13
CA VAL C 121 -12.18 8.54 24.10
C VAL C 121 -11.62 7.37 23.35
N SER C 122 -10.50 6.82 23.85
CA SER C 122 -9.88 5.67 23.24
C SER C 122 -10.07 4.35 23.98
N ALA C 123 -10.46 4.39 25.26
CA ALA C 123 -10.60 3.17 26.06
C ALA C 123 -11.72 2.24 25.65
N ASP C 124 -12.79 2.79 25.10
CA ASP C 124 -13.91 1.96 24.68
C ASP C 124 -14.02 1.77 23.15
N LEU C 125 -12.92 1.94 22.42
CA LEU C 125 -12.96 1.78 20.97
C LEU C 125 -13.12 0.30 20.67
N LEU C 126 -13.69 0.00 19.52
CA LEU C 126 -13.88 -1.39 19.08
C LEU C 126 -13.26 -1.64 17.69
N VAL C 127 -12.65 -2.81 17.51
CA VAL C 127 -12.07 -3.17 16.21
C VAL C 127 -13.20 -3.18 15.16
N GLY C 128 -13.00 -2.48 14.04
CA GLY C 128 -14.03 -2.45 13.02
C GLY C 128 -14.74 -1.10 12.88
N GLN C 129 -14.54 -0.25 13.87
CA GLN C 129 -15.09 1.11 13.91
C GLN C 129 -14.46 1.87 12.73
N LYS C 130 -15.18 2.80 12.12
CA LYS C 130 -14.62 3.56 11.00
C LYS C 130 -13.70 4.69 11.46
N VAL C 131 -12.49 4.82 10.89
CA VAL C 131 -11.59 5.91 11.30
C VAL C 131 -11.24 6.86 10.14
N PHE C 132 -10.76 8.05 10.50
CA PHE C 132 -10.45 9.11 9.55
C PHE C 132 -9.14 9.76 9.89
N ALA C 133 -8.20 9.71 8.95
CA ALA C 133 -6.89 10.32 9.21
C ALA C 133 -6.65 11.55 8.37
N ILE C 134 -6.27 12.65 9.02
CA ILE C 134 -5.94 13.86 8.27
C ILE C 134 -4.52 14.26 8.57
N GLY C 135 -3.75 14.53 7.52
CA GLY C 135 -2.36 14.95 7.65
C GLY C 135 -1.75 15.48 6.34
N ASN C 136 -0.42 15.45 6.25
CA ASN C 136 0.26 15.94 5.05
C ASN C 136 1.25 14.95 4.45
N PRO C 137 0.79 13.75 4.13
CA PRO C 137 1.70 12.77 3.54
C PRO C 137 2.39 13.33 2.27
N PHE C 138 3.72 13.19 2.21
CA PHE C 138 4.47 13.69 1.05
C PHE C 138 4.12 15.15 0.75
N GLY C 139 3.90 15.94 1.79
CA GLY C 139 3.59 17.35 1.55
C GLY C 139 2.20 17.62 0.98
N LEU C 140 1.38 16.60 0.78
CA LEU C 140 0.05 16.83 0.24
C LEU C 140 -0.90 17.38 1.32
N ASP C 141 -1.05 18.71 1.34
CA ASP C 141 -1.86 19.45 2.31
C ASP C 141 -3.24 18.92 2.78
N HIS C 142 -3.34 18.59 4.06
CA HIS C 142 -4.57 18.08 4.66
C HIS C 142 -5.26 16.96 3.89
N THR C 143 -4.49 15.91 3.61
CA THR C 143 -4.95 14.73 2.92
C THR C 143 -5.84 13.93 3.85
N LEU C 144 -6.98 13.49 3.34
CA LEU C 144 -7.88 12.67 4.12
C LEU C 144 -7.78 11.23 3.63
N THR C 145 -7.53 10.29 4.54
CA THR C 145 -7.52 8.88 4.19
C THR C 145 -8.42 8.21 5.19
N THR C 146 -9.17 7.24 4.68
CA THR C 146 -10.16 6.49 5.41
C THR C 146 -9.80 5.04 5.65
N GLY C 147 -10.32 4.48 6.74
CA GLY C 147 -10.07 3.09 7.07
C GLY C 147 -10.90 2.65 8.26
N VAL C 148 -10.43 1.61 8.90
CA VAL C 148 -11.11 1.02 10.04
C VAL C 148 -10.10 0.83 11.19
N ILE C 149 -10.60 0.60 12.40
CA ILE C 149 -9.70 0.31 13.50
C ILE C 149 -9.37 -1.19 13.27
N SER C 150 -8.10 -1.49 13.07
CA SER C 150 -7.68 -2.86 12.79
C SER C 150 -7.33 -3.66 13.99
N GLY C 151 -6.88 -2.99 15.04
CA GLY C 151 -6.48 -3.68 16.25
C GLY C 151 -6.31 -2.67 17.36
N LEU C 152 -6.41 -3.15 18.60
CA LEU C 152 -6.27 -2.30 19.77
C LEU C 152 -5.19 -2.89 20.65
N ARG C 153 -4.69 -2.08 21.58
CA ARG C 153 -3.68 -2.51 22.56
C ARG C 153 -2.44 -3.16 21.97
N ARG C 154 -1.98 -2.56 20.89
CA ARG C 154 -0.79 -3.04 20.25
C ARG C 154 0.38 -2.40 20.94
N GLU C 155 1.49 -3.10 20.95
CA GLU C 155 2.70 -2.61 21.54
C GLU C 155 3.71 -2.50 20.40
N ILE C 156 4.15 -1.28 20.07
CA ILE C 156 5.15 -1.12 19.03
C ILE C 156 6.38 -0.48 19.63
N SER C 157 7.55 -1.06 19.34
CA SER C 157 8.81 -0.54 19.86
C SER C 157 9.32 0.59 18.96
N SER C 158 8.95 1.82 19.31
CA SER C 158 9.35 2.99 18.54
C SER C 158 10.85 3.31 18.66
N ALA C 159 11.63 2.98 17.64
CA ALA C 159 13.08 3.27 17.66
C ALA C 159 13.28 4.79 17.88
N ALA C 160 12.15 5.51 17.94
CA ALA C 160 12.12 6.96 18.15
C ALA C 160 12.09 7.24 19.67
N THR C 161 12.82 6.40 20.40
CA THR C 161 13.00 6.43 21.87
C THR C 161 13.65 5.07 22.23
N GLY C 162 13.19 4.03 21.55
CA GLY C 162 13.68 2.69 21.78
C GLY C 162 12.65 2.08 22.70
N ARG C 163 12.48 2.71 23.84
CA ARG C 163 11.53 2.23 24.83
C ARG C 163 10.19 1.98 24.14
N PRO C 164 9.65 0.75 24.26
CA PRO C 164 8.37 0.47 23.62
C PRO C 164 7.23 1.36 24.08
N ILE C 165 6.16 1.36 23.29
CA ILE C 165 4.96 2.11 23.59
C ILE C 165 3.80 1.13 23.54
N GLN C 166 2.85 1.25 24.45
CA GLN C 166 1.71 0.33 24.40
C GLN C 166 0.33 1.00 24.31
N ASP C 167 -0.70 0.17 24.27
CA ASP C 167 -2.07 0.63 24.14
C ASP C 167 -2.36 1.27 22.78
N VAL C 168 -1.35 1.29 21.90
CA VAL C 168 -1.46 1.86 20.55
C VAL C 168 -2.54 1.30 19.61
N ILE C 169 -3.19 2.19 18.87
CA ILE C 169 -4.23 1.84 17.90
C ILE C 169 -3.66 1.45 16.49
N GLN C 170 -4.20 0.41 15.88
CA GLN C 170 -3.78 -0.04 14.55
C GLN C 170 -4.92 0.22 13.55
N THR C 171 -4.60 0.89 12.45
CA THR C 171 -5.62 1.20 11.42
C THR C 171 -5.18 0.83 10.00
N ASP C 172 -6.12 0.60 9.08
CA ASP C 172 -5.72 0.34 7.69
C ASP C 172 -6.02 1.56 6.82
N ALA C 173 -6.16 2.73 7.45
CA ALA C 173 -6.33 3.95 6.68
C ALA C 173 -4.89 4.25 6.25
N ALA C 174 -4.70 4.68 5.00
CA ALA C 174 -3.34 4.97 4.49
C ALA C 174 -2.62 6.03 5.32
N ILE C 175 -1.43 5.65 5.80
CA ILE C 175 -0.61 6.53 6.63
C ILE C 175 0.78 6.50 6.01
N ASN C 176 1.28 7.66 5.61
CA ASN C 176 2.59 7.77 4.94
C ASN C 176 3.48 8.86 5.56
N PRO C 177 4.76 8.90 5.17
CA PRO C 177 5.66 9.94 5.70
C PRO C 177 4.95 11.26 5.47
N GLY C 178 4.88 12.08 6.49
CA GLY C 178 4.17 13.36 6.37
C GLY C 178 2.91 13.37 7.19
N ASN C 179 2.43 12.19 7.56
CA ASN C 179 1.22 12.02 8.37
C ASN C 179 1.53 12.16 9.88
N SER C 180 2.75 11.79 10.30
CA SER C 180 3.10 11.85 11.70
C SER C 180 2.63 13.17 12.35
N GLY C 181 1.98 13.04 13.52
CA GLY C 181 1.52 14.23 14.22
C GLY C 181 0.10 14.71 13.91
N GLY C 182 -0.56 14.09 12.94
CA GLY C 182 -1.89 14.52 12.58
C GLY C 182 -2.93 13.70 13.29
N PRO C 183 -4.16 14.17 13.29
CA PRO C 183 -5.24 13.47 13.96
C PRO C 183 -5.82 12.25 13.32
N LEU C 184 -6.30 11.34 14.17
CA LEU C 184 -7.05 10.15 13.76
C LEU C 184 -8.42 10.40 14.44
N LEU C 185 -9.48 10.49 13.64
CA LEU C 185 -10.81 10.74 14.17
C LEU C 185 -11.73 9.52 14.08
N ASP C 186 -12.71 9.43 14.98
CA ASP C 186 -13.70 8.33 14.97
C ASP C 186 -14.87 8.82 14.12
N SER C 187 -15.93 8.03 13.93
CA SER C 187 -17.00 8.52 13.06
C SER C 187 -17.79 9.69 13.64
N SER C 188 -17.55 9.98 14.91
CA SER C 188 -18.24 11.09 15.57
C SER C 188 -17.46 12.38 15.39
N GLY C 189 -16.39 12.33 14.59
CA GLY C 189 -15.58 13.50 14.38
C GLY C 189 -14.77 13.95 15.59
N THR C 190 -14.35 13.01 16.43
CA THR C 190 -13.58 13.38 17.62
C THR C 190 -12.21 12.71 17.63
N LEU C 191 -11.20 13.44 18.12
CA LEU C 191 -9.83 12.93 18.21
C LEU C 191 -9.74 11.62 19.01
N ILE C 192 -9.14 10.57 18.45
CA ILE C 192 -9.02 9.32 19.21
C ILE C 192 -7.60 8.83 19.20
N GLY C 193 -6.76 9.50 18.42
CA GLY C 193 -5.36 9.11 18.35
C GLY C 193 -4.61 10.09 17.50
N ILE C 194 -3.30 9.96 17.52
CA ILE C 194 -2.44 10.80 16.72
C ILE C 194 -1.58 9.82 15.91
N ASN C 195 -1.66 9.89 14.58
CA ASN C 195 -0.92 8.99 13.70
C ASN C 195 0.58 9.20 13.86
N THR C 196 1.33 8.12 14.11
CA THR C 196 2.73 8.33 14.36
C THR C 196 3.69 7.36 13.69
N ALA C 197 3.25 6.15 13.39
CA ALA C 197 4.15 5.22 12.73
C ALA C 197 3.41 4.14 11.93
N ILE C 198 4.19 3.36 11.15
CA ILE C 198 3.63 2.30 10.31
C ILE C 198 4.63 1.18 10.20
N TYR C 199 4.16 -0.01 9.85
CA TYR C 199 5.06 -1.17 9.62
C TYR C 199 5.12 -1.32 8.11
N SER C 200 6.28 -1.15 7.50
CA SER C 200 6.33 -1.34 6.05
C SER C 200 7.72 -1.63 5.52
N PRO C 201 7.82 -2.64 4.67
CA PRO C 201 9.11 -3.00 4.07
C PRO C 201 9.61 -1.84 3.20
N SER C 202 8.64 -1.16 2.58
CA SER C 202 8.89 -0.06 1.65
C SER C 202 9.05 1.32 2.23
N GLY C 203 8.64 1.51 3.47
CA GLY C 203 8.72 2.84 4.01
C GLY C 203 7.47 3.60 3.60
N ALA C 204 6.52 2.90 2.98
CA ALA C 204 5.29 3.54 2.58
C ALA C 204 4.09 2.69 3.04
N SER C 205 2.93 3.33 3.19
CA SER C 205 1.75 2.64 3.66
C SER C 205 1.52 1.29 3.05
N SER C 206 1.33 0.32 3.94
CA SER C 206 1.11 -1.04 3.50
C SER C 206 -0.12 -1.53 4.25
N GLY C 207 -0.90 -0.58 4.73
CA GLY C 207 -2.10 -0.95 5.46
C GLY C 207 -1.94 -1.27 6.95
N VAL C 208 -0.77 -1.01 7.52
CA VAL C 208 -0.60 -1.25 8.93
C VAL C 208 -0.03 -0.01 9.56
N GLY C 209 -0.93 0.82 10.10
CA GLY C 209 -0.53 2.08 10.73
C GLY C 209 -0.90 2.19 12.21
N PHE C 210 -0.10 2.93 12.95
CA PHE C 210 -0.37 3.07 14.35
C PHE C 210 -0.62 4.48 14.82
N SER C 211 -1.46 4.59 15.84
CA SER C 211 -1.76 5.90 16.43
C SER C 211 -1.64 5.81 17.94
N ILE C 212 -1.08 6.85 18.55
CA ILE C 212 -0.98 6.86 19.99
C ILE C 212 -2.39 7.24 20.41
N PRO C 213 -3.01 6.44 21.29
CA PRO C 213 -4.39 6.73 21.74
C PRO C 213 -4.62 8.05 22.46
N VAL C 214 -5.78 8.67 22.18
CA VAL C 214 -6.15 9.96 22.76
C VAL C 214 -6.08 9.96 24.31
N ASP C 215 -6.52 8.88 24.95
CA ASP C 215 -6.48 8.77 26.40
C ASP C 215 -5.07 8.98 26.96
N THR C 216 -4.06 8.53 26.23
CA THR C 216 -2.68 8.72 26.64
C THR C 216 -2.26 10.16 26.35
N VAL C 217 -2.74 10.70 25.23
CA VAL C 217 -2.40 12.05 24.80
C VAL C 217 -3.03 13.14 25.68
N GLY C 218 -4.31 12.99 26.00
CA GLY C 218 -4.97 13.96 26.86
C GLY C 218 -4.12 14.17 28.13
N GLY C 219 -3.83 13.06 28.80
CA GLY C 219 -3.01 13.11 29.99
C GLY C 219 -1.71 13.87 29.74
N ILE C 220 -0.97 13.46 28.71
CA ILE C 220 0.29 14.12 28.44
C ILE C 220 0.19 15.59 28.05
N VAL C 221 -0.76 15.96 27.19
CA VAL C 221 -0.84 17.36 26.82
C VAL C 221 -1.12 18.14 28.07
N ASP C 222 -2.10 17.69 28.84
CA ASP C 222 -2.48 18.34 30.08
C ASP C 222 -1.21 18.60 30.91
N GLN C 223 -0.49 17.54 31.26
CA GLN C 223 0.71 17.72 32.04
C GLN C 223 1.76 18.65 31.42
N LEU C 224 1.94 18.62 30.10
CA LEU C 224 2.93 19.48 29.46
C LEU C 224 2.52 20.96 29.54
N VAL C 225 1.24 21.23 29.30
CA VAL C 225 0.77 22.60 29.37
C VAL C 225 0.95 23.14 30.79
N ARG C 226 0.53 22.36 31.79
CA ARG C 226 0.60 22.75 33.20
C ARG C 226 1.99 22.81 33.88
N PHE C 227 2.92 21.94 33.48
CA PHE C 227 4.22 21.93 34.13
C PHE C 227 5.40 21.88 33.18
N GLY C 228 5.13 21.90 31.87
CA GLY C 228 6.21 21.87 30.89
C GLY C 228 6.94 20.55 30.75
N LYS C 229 6.55 19.54 31.52
CA LYS C 229 7.21 18.25 31.43
C LYS C 229 6.31 17.16 31.92
N VAL C 230 6.74 15.93 31.67
CA VAL C 230 6.04 14.76 32.13
C VAL C 230 7.06 14.09 33.04
N THR C 231 6.67 13.80 34.26
CA THR C 231 7.62 13.16 35.15
C THR C 231 7.34 11.67 35.14
N ARG C 232 8.37 10.91 34.77
CA ARG C 232 8.27 9.45 34.69
C ARG C 232 9.31 8.85 35.64
N PRO C 233 8.95 7.76 36.32
CA PRO C 233 9.85 7.10 37.26
C PRO C 233 10.97 6.31 36.60
N ILE C 234 11.98 5.99 37.37
CA ILE C 234 13.12 5.19 36.92
C ILE C 234 13.54 4.22 38.03
N LEU C 235 14.23 3.15 37.63
CA LEU C 235 14.73 2.14 38.55
C LEU C 235 16.19 2.42 38.72
N GLY C 236 16.72 3.25 37.82
CA GLY C 236 18.12 3.60 37.89
C GLY C 236 19.10 2.50 37.51
N ILE C 237 18.83 1.80 36.41
CA ILE C 237 19.76 0.77 35.94
C ILE C 237 19.95 0.80 34.42
N LYS C 238 21.12 0.36 33.96
CA LYS C 238 21.39 0.28 32.53
C LYS C 238 21.53 -1.20 32.31
N PHE C 239 20.71 -1.75 31.42
CA PHE C 239 20.76 -3.17 31.18
C PHE C 239 21.09 -3.62 29.77
N ALA C 240 21.50 -4.87 29.69
CA ALA C 240 21.89 -5.51 28.46
C ALA C 240 20.73 -5.75 27.51
N PRO C 241 20.81 -5.21 26.29
CA PRO C 241 19.71 -5.43 25.34
C PRO C 241 19.59 -6.94 25.07
N ASP C 242 18.38 -7.41 24.82
CA ASP C 242 18.13 -8.84 24.58
C ASP C 242 19.12 -9.62 23.70
N GLN C 243 19.11 -9.35 22.40
CA GLN C 243 20.02 -10.04 21.46
C GLN C 243 21.47 -9.74 21.80
N SER C 244 21.79 -9.68 23.08
CA SER C 244 23.15 -9.40 23.49
C SER C 244 23.52 -10.42 24.55
N VAL C 245 22.52 -10.88 25.29
CA VAL C 245 22.72 -11.85 26.35
C VAL C 245 22.02 -13.16 25.99
N GLU C 246 21.24 -13.12 24.90
CA GLU C 246 20.51 -14.28 24.39
C GLU C 246 21.43 -15.50 24.33
N GLN C 247 22.74 -15.22 24.32
CA GLN C 247 23.76 -16.25 24.26
C GLN C 247 23.95 -16.93 25.61
N LEU C 248 23.96 -16.13 26.67
CA LEU C 248 24.16 -16.65 28.03
C LEU C 248 22.97 -17.40 28.64
N GLY C 249 21.81 -17.31 28.00
CA GLY C 249 20.62 -17.99 28.50
C GLY C 249 19.89 -17.17 29.54
N VAL C 250 20.31 -15.92 29.70
CA VAL C 250 19.70 -15.02 30.66
C VAL C 250 18.20 -14.89 30.43
N SER C 251 17.42 -15.27 31.43
CA SER C 251 15.97 -15.20 31.33
C SER C 251 15.43 -14.02 32.11
N GLY C 252 15.88 -12.84 31.71
CA GLY C 252 15.45 -11.62 32.35
C GLY C 252 16.30 -10.47 31.88
N VAL C 253 16.41 -9.46 32.72
CA VAL C 253 17.19 -8.29 32.37
C VAL C 253 18.51 -8.41 33.12
N LEU C 254 19.61 -8.50 32.38
CA LEU C 254 20.91 -8.62 33.03
C LEU C 254 21.43 -7.23 33.38
N VAL C 255 21.13 -6.76 34.58
CA VAL C 255 21.59 -5.43 34.99
C VAL C 255 23.10 -5.22 34.83
N LEU C 256 23.44 -4.30 33.92
CA LEU C 256 24.83 -3.97 33.60
C LEU C 256 25.39 -2.93 34.55
N ASP C 257 24.56 -1.97 34.93
CA ASP C 257 25.00 -0.91 35.82
C ASP C 257 23.88 -0.40 36.72
N ALA C 258 24.18 -0.29 38.01
CA ALA C 258 23.24 0.21 39.00
C ALA C 258 23.97 1.36 39.67
N PRO C 259 23.88 2.56 39.08
CA PRO C 259 24.57 3.71 39.68
C PRO C 259 24.33 3.76 41.18
N PRO C 260 25.41 3.88 41.97
CA PRO C 260 25.25 3.94 43.43
C PRO C 260 24.37 5.13 43.82
N SER C 261 24.25 6.07 42.89
CA SER C 261 23.48 7.28 43.10
C SER C 261 21.97 7.11 42.88
N GLY C 262 21.59 6.02 42.20
CA GLY C 262 20.19 5.78 41.87
C GLY C 262 19.36 4.78 42.67
N PRO C 263 18.03 4.77 42.46
CA PRO C 263 17.16 3.85 43.17
C PRO C 263 17.63 2.43 43.30
N ALA C 264 18.06 1.79 42.20
CA ALA C 264 18.52 0.40 42.31
C ALA C 264 19.86 0.21 43.01
N GLY C 265 20.75 1.18 42.86
CA GLY C 265 22.05 1.09 43.51
C GLY C 265 21.96 1.31 45.01
N LYS C 266 21.25 2.37 45.39
CA LYS C 266 21.05 2.69 46.80
C LYS C 266 20.33 1.55 47.47
N ALA C 267 19.69 0.69 46.68
CA ALA C 267 18.95 -0.44 47.25
C ALA C 267 19.77 -1.72 47.25
N GLY C 268 20.92 -1.69 46.59
CA GLY C 268 21.76 -2.88 46.61
C GLY C 268 21.89 -3.79 45.41
N LEU C 269 21.28 -3.44 44.27
CA LEU C 269 21.42 -4.31 43.09
C LEU C 269 22.88 -4.34 42.68
N GLN C 270 23.33 -5.48 42.18
CA GLN C 270 24.72 -5.62 41.79
C GLN C 270 24.96 -5.65 40.29
N SER C 271 25.82 -4.76 39.81
CA SER C 271 26.16 -4.64 38.37
C SER C 271 27.03 -5.78 37.86
N THR C 272 27.19 -5.84 36.54
CA THR C 272 28.03 -6.86 35.91
C THR C 272 29.49 -6.45 36.06
N LYS C 273 30.38 -7.43 36.16
CA LYS C 273 31.79 -7.08 36.32
C LYS C 273 32.79 -8.15 35.88
N ARG C 274 34.01 -7.69 35.58
CA ARG C 274 35.12 -8.57 35.18
C ARG C 274 36.08 -8.65 36.38
N ASP C 275 36.60 -9.85 36.65
CA ASP C 275 37.52 -10.05 37.79
C ASP C 275 38.98 -9.64 37.55
N GLY C 276 39.19 -8.65 36.68
CA GLY C 276 40.54 -8.19 36.40
C GLY C 276 41.38 -9.27 35.73
N TYR C 277 40.88 -10.50 35.85
CA TYR C 277 41.46 -11.72 35.29
C TYR C 277 40.82 -11.88 33.90
N GLY C 278 40.07 -10.85 33.52
CA GLY C 278 39.39 -10.85 32.23
C GLY C 278 38.01 -11.47 32.32
N ARG C 279 37.90 -12.57 33.04
CA ARG C 279 36.64 -13.27 33.21
C ARG C 279 35.46 -12.34 33.52
N LEU C 280 34.36 -12.57 32.81
CA LEU C 280 33.14 -11.78 32.94
C LEU C 280 32.27 -12.33 34.07
N VAL C 281 32.26 -11.64 35.21
CA VAL C 281 31.45 -12.05 36.36
C VAL C 281 30.16 -11.24 36.38
N LEU C 282 29.15 -11.71 35.66
CA LEU C 282 27.88 -10.99 35.54
C LEU C 282 27.17 -10.71 36.87
N GLY C 283 26.24 -9.74 36.85
CA GLY C 283 25.55 -9.36 38.08
C GLY C 283 24.14 -9.87 38.27
N ASP C 284 23.31 -9.04 38.89
CA ASP C 284 21.92 -9.40 39.15
C ASP C 284 21.18 -9.57 37.85
N ILE C 285 20.20 -10.46 37.88
CA ILE C 285 19.38 -10.69 36.71
C ILE C 285 17.95 -10.56 37.19
N ILE C 286 17.30 -9.46 36.84
CA ILE C 286 15.94 -9.24 37.25
C ILE C 286 15.02 -10.30 36.63
N THR C 287 14.16 -10.90 37.45
CA THR C 287 13.29 -11.96 36.95
C THR C 287 11.81 -11.72 37.24
N SER C 288 11.51 -10.54 37.78
CA SER C 288 10.13 -10.16 38.08
C SER C 288 10.14 -8.89 38.90
N VAL C 289 9.08 -8.10 38.82
CA VAL C 289 9.06 -6.92 39.64
C VAL C 289 7.91 -7.03 40.65
N ASN C 290 6.78 -6.38 40.39
CA ASN C 290 5.71 -6.52 41.37
C ASN C 290 4.95 -7.81 41.11
N GLY C 291 5.70 -8.91 41.07
CA GLY C 291 5.11 -10.20 40.86
C GLY C 291 4.96 -10.60 39.42
N THR C 292 5.16 -9.63 38.52
CA THR C 292 5.06 -9.86 37.08
C THR C 292 6.40 -10.37 36.57
N LYS C 293 6.36 -11.44 35.79
CA LYS C 293 7.56 -12.04 35.22
C LYS C 293 8.33 -11.08 34.30
N VAL C 294 9.65 -11.18 34.29
CA VAL C 294 10.47 -10.33 33.46
C VAL C 294 11.39 -11.24 32.68
N SER C 295 11.02 -11.50 31.43
CA SER C 295 11.78 -12.38 30.54
C SER C 295 12.69 -11.59 29.63
N ASN C 296 12.23 -10.41 29.25
CA ASN C 296 12.99 -9.55 28.34
C ASN C 296 12.84 -8.08 28.73
N GLY C 297 13.71 -7.24 28.17
CA GLY C 297 13.65 -5.82 28.49
C GLY C 297 12.29 -5.16 28.31
N SER C 298 11.49 -5.68 27.39
CA SER C 298 10.18 -5.11 27.14
C SER C 298 9.28 -5.32 28.36
N ASP C 299 9.28 -6.54 28.88
CA ASP C 299 8.47 -6.87 30.03
C ASP C 299 8.74 -5.91 31.19
N LEU C 300 10.02 -5.60 31.40
CA LEU C 300 10.40 -4.70 32.47
C LEU C 300 9.80 -3.33 32.21
N TYR C 301 9.95 -2.88 30.97
CA TYR C 301 9.43 -1.59 30.51
C TYR C 301 7.95 -1.45 30.75
N ARG C 302 7.20 -2.44 30.28
CA ARG C 302 5.76 -2.49 30.44
C ARG C 302 5.38 -2.38 31.91
N ILE C 303 6.08 -3.12 32.76
CA ILE C 303 5.80 -3.09 34.19
C ILE C 303 5.97 -1.69 34.75
N LEU C 304 7.14 -1.08 34.51
CA LEU C 304 7.39 0.28 35.00
C LEU C 304 6.40 1.28 34.44
N ASP C 305 5.93 1.02 33.22
CA ASP C 305 4.96 1.88 32.57
C ASP C 305 3.78 2.10 33.53
N GLN C 306 3.26 1.01 34.09
CA GLN C 306 2.14 1.12 35.01
C GLN C 306 2.49 1.64 36.40
N CYS C 307 3.76 1.92 36.68
CA CYS C 307 4.15 2.42 38.02
C CYS C 307 4.21 3.93 38.11
N LYS C 308 4.20 4.43 39.33
CA LYS C 308 4.26 5.86 39.58
C LYS C 308 5.56 6.18 40.30
N VAL C 309 6.00 7.43 40.27
CA VAL C 309 7.24 7.76 40.97
C VAL C 309 6.96 7.68 42.46
N GLY C 310 7.99 7.35 43.24
CA GLY C 310 7.82 7.26 44.68
C GLY C 310 7.33 5.89 45.15
N ASP C 311 6.92 5.05 44.20
CA ASP C 311 6.45 3.71 44.51
C ASP C 311 7.56 2.80 45.02
N GLU C 312 7.18 1.86 45.87
CA GLU C 312 8.13 0.90 46.38
C GLU C 312 7.87 -0.39 45.68
N VAL C 313 8.59 -0.56 44.60
CA VAL C 313 8.51 -1.75 43.79
C VAL C 313 9.43 -2.82 44.37
N THR C 314 8.96 -4.05 44.37
CA THR C 314 9.78 -5.13 44.88
C THR C 314 10.30 -5.94 43.70
N VAL C 315 11.60 -5.83 43.43
CA VAL C 315 12.20 -6.52 42.31
C VAL C 315 12.99 -7.75 42.70
N GLU C 316 12.67 -8.85 42.04
CA GLU C 316 13.32 -10.14 42.27
C GLU C 316 14.57 -10.20 41.42
N VAL C 317 15.62 -10.82 41.95
CA VAL C 317 16.87 -10.91 41.21
C VAL C 317 17.52 -12.27 41.36
N LEU C 318 18.08 -12.77 40.26
CA LEU C 318 18.79 -14.03 40.33
C LEU C 318 20.22 -13.62 40.62
N ARG C 319 20.65 -13.90 41.85
CA ARG C 319 21.99 -13.57 42.33
C ARG C 319 22.61 -14.82 42.97
N GLY C 320 23.84 -15.15 42.55
CA GLY C 320 24.55 -16.31 43.07
C GLY C 320 23.85 -17.62 43.47
N ASP C 321 23.05 -18.18 42.56
CA ASP C 321 22.33 -19.46 42.77
C ASP C 321 21.03 -19.47 43.56
N HIS C 322 20.42 -18.29 43.71
CA HIS C 322 19.17 -18.18 44.42
C HIS C 322 18.56 -16.83 44.03
N LYS C 323 17.25 -16.73 44.18
CA LYS C 323 16.59 -15.48 43.88
C LYS C 323 16.39 -14.81 45.22
N GLU C 324 16.08 -13.52 45.20
CA GLU C 324 15.81 -12.83 46.43
C GLU C 324 15.20 -11.49 46.09
N LYS C 325 14.07 -11.21 46.72
CA LYS C 325 13.36 -9.97 46.46
C LYS C 325 13.94 -8.76 47.18
N ILE C 326 14.19 -7.70 46.43
CA ILE C 326 14.72 -6.46 46.99
C ILE C 326 13.79 -5.26 46.75
N SER C 327 13.63 -4.41 47.76
CA SER C 327 12.76 -3.25 47.61
C SER C 327 13.50 -2.06 46.98
N VAL C 328 12.89 -1.42 45.98
CA VAL C 328 13.51 -0.25 45.35
C VAL C 328 12.48 0.88 45.28
N THR C 329 12.88 2.09 45.67
CA THR C 329 11.93 3.19 45.64
C THR C 329 12.18 4.07 44.44
N LEU C 330 11.28 3.95 43.43
CA LEU C 330 11.35 4.70 42.18
C LEU C 330 11.41 6.21 42.39
N GLU C 331 12.28 6.87 41.64
CA GLU C 331 12.44 8.31 41.73
C GLU C 331 12.25 8.96 40.36
N PRO C 332 12.04 10.29 40.32
CA PRO C 332 11.86 10.97 39.04
C PRO C 332 13.11 10.93 38.16
N LYS C 333 12.89 11.10 36.87
CA LYS C 333 13.96 11.12 35.89
C LYS C 333 14.58 12.53 36.00
N PRO C 334 15.91 12.61 36.08
CA PRO C 334 16.67 13.87 36.21
C PRO C 334 16.59 14.86 35.03
N UNK D 1 4.97 -4.95 -13.17
CA UNK D 1 4.86 -6.42 -12.94
C UNK D 1 5.47 -6.88 -11.58
N UNK D 2 4.70 -6.73 -10.51
CA UNK D 2 5.13 -7.13 -9.17
C UNK D 2 5.01 -8.64 -8.96
N UNK D 3 5.93 -9.23 -8.18
CA UNK D 3 5.95 -10.68 -7.91
C UNK D 3 4.70 -11.29 -7.24
N UNK D 4 4.46 -12.61 -7.44
CA UNK D 4 3.31 -13.31 -6.85
C UNK D 4 3.63 -13.88 -5.44
N UNK D 5 3.89 -12.98 -4.48
CA UNK D 5 4.26 -13.34 -3.10
C UNK D 5 3.28 -14.09 -2.19
N UNK D 6 3.73 -15.20 -1.63
CA UNK D 6 2.90 -15.96 -0.70
C UNK D 6 2.99 -15.20 0.64
N UNK D 7 1.85 -14.94 1.29
CA UNK D 7 1.84 -14.17 2.54
C UNK D 7 1.51 -14.93 3.86
N UNK E 1 6.59 11.41 -8.50
CA UNK E 1 5.30 11.06 -9.20
C UNK E 1 5.50 9.89 -10.16
N UNK E 2 5.20 8.65 -9.74
CA UNK E 2 5.37 7.50 -10.63
C UNK E 2 4.12 7.26 -11.51
N UNK E 3 4.34 7.28 -12.83
CA UNK E 3 3.27 7.06 -13.83
C UNK E 3 2.83 5.58 -13.85
N UNK E 4 1.52 5.31 -13.89
CA UNK E 4 1.00 3.94 -13.85
C UNK E 4 0.07 3.45 -15.01
N UNK F 1 10.68 -3.84 13.25
CA UNK F 1 10.68 -2.50 13.94
C UNK F 1 9.86 -1.44 13.16
N UNK F 2 9.12 -0.60 13.89
CA UNK F 2 8.25 0.45 13.35
C UNK F 2 8.96 1.58 12.57
N UNK F 3 8.31 2.15 11.57
CA UNK F 3 8.92 3.24 10.82
C UNK F 3 8.16 4.53 11.18
N UNK F 4 8.90 5.54 11.65
CA UNK F 4 8.36 6.84 12.06
C UNK F 4 7.84 7.66 10.88
N UNK F 5 6.55 7.96 10.85
CA UNK F 5 5.98 8.71 9.75
C UNK F 5 5.93 10.23 10.04
N UNK G 1 7.23 -28.88 -15.84
CA UNK G 1 5.73 -28.88 -15.62
C UNK G 1 5.09 -30.24 -15.88
N UNK G 2 4.44 -30.82 -14.87
CA UNK G 2 3.78 -32.12 -15.00
C UNK G 2 2.26 -31.97 -14.91
N UNK G 3 1.53 -32.61 -15.83
CA UNK G 3 0.07 -32.58 -15.84
C UNK G 3 -0.49 -33.99 -15.97
N UNK H 1 16.90 22.26 -18.34
CA UNK H 1 16.31 23.50 -18.95
C UNK H 1 14.79 23.33 -19.22
N UNK H 2 13.97 24.04 -18.43
CA UNK H 2 12.50 24.01 -18.57
C UNK H 2 12.04 25.01 -19.66
N UNK H 3 10.84 24.78 -20.21
CA UNK H 3 10.32 25.64 -21.27
C UNK H 3 8.94 26.17 -20.92
N UNK H 4 8.63 27.38 -21.30
CA UNK H 4 7.31 27.93 -20.98
C UNK H 4 6.75 28.76 -22.15
N UNK I 1 23.21 -0.24 25.80
CA UNK I 1 23.22 0.41 27.15
C UNK I 1 21.85 1.01 27.48
N UNK I 2 20.77 0.25 27.22
CA UNK I 2 19.39 0.69 27.49
C UNK I 2 19.17 1.08 28.98
N UNK I 3 18.58 2.25 29.25
CA UNK I 3 18.35 2.69 30.63
C UNK I 3 16.90 2.48 31.14
N UNK I 4 16.77 2.08 32.40
CA UNK I 4 15.47 1.83 33.02
C UNK I 4 15.28 2.51 34.36
#